data_7Z7K
# 
_entry.id   7Z7K 
# 
_audit_conform.dict_name       mmcif_pdbx.dic 
_audit_conform.dict_version    5.385 
_audit_conform.dict_location   http://mmcif.pdb.org/dictionaries/ascii/mmcif_pdbx.dic 
# 
loop_
_database_2.database_id 
_database_2.database_code 
_database_2.pdbx_database_accession 
_database_2.pdbx_DOI 
PDB   7Z7K         pdb_00007z7k 10.2210/pdb7z7k/pdb 
WWPDB D_1292120395 ?            ?                   
# 
loop_
_pdbx_audit_revision_history.ordinal 
_pdbx_audit_revision_history.data_content_type 
_pdbx_audit_revision_history.major_revision 
_pdbx_audit_revision_history.minor_revision 
_pdbx_audit_revision_history.revision_date 
1 'Structure model' 1 0 2023-03-29 
2 'Structure model' 1 1 2023-10-11 
3 'Structure model' 1 2 2024-02-07 
# 
_pdbx_audit_revision_details.ordinal             1 
_pdbx_audit_revision_details.revision_ordinal    1 
_pdbx_audit_revision_details.data_content_type   'Structure model' 
_pdbx_audit_revision_details.provider            repository 
_pdbx_audit_revision_details.type                'Initial release' 
_pdbx_audit_revision_details.description         ? 
_pdbx_audit_revision_details.details             ? 
# 
loop_
_pdbx_audit_revision_group.ordinal 
_pdbx_audit_revision_group.revision_ordinal 
_pdbx_audit_revision_group.data_content_type 
_pdbx_audit_revision_group.group 
1 2 'Structure model' 'Data collection'        
2 2 'Structure model' 'Database references'    
3 3 'Structure model' 'Refinement description' 
# 
loop_
_pdbx_audit_revision_category.ordinal 
_pdbx_audit_revision_category.revision_ordinal 
_pdbx_audit_revision_category.data_content_type 
_pdbx_audit_revision_category.category 
1 2 'Structure model' chem_comp_atom                
2 2 'Structure model' chem_comp_bond                
3 2 'Structure model' citation                      
4 2 'Structure model' citation_author               
5 3 'Structure model' pdbx_initial_refinement_model 
# 
loop_
_pdbx_audit_revision_item.ordinal 
_pdbx_audit_revision_item.revision_ordinal 
_pdbx_audit_revision_item.data_content_type 
_pdbx_audit_revision_item.item 
1  2 'Structure model' '_citation.journal_abbrev'          
2  2 'Structure model' '_citation.journal_id_CSD'          
3  2 'Structure model' '_citation.journal_id_ISSN'         
4  2 'Structure model' '_citation.journal_volume'          
5  2 'Structure model' '_citation.page_first'              
6  2 'Structure model' '_citation.page_last'               
7  2 'Structure model' '_citation.pdbx_database_id_DOI'    
8  2 'Structure model' '_citation.pdbx_database_id_PubMed' 
9  2 'Structure model' '_citation.title'                   
10 2 'Structure model' '_citation.year'                    
# 
_pdbx_database_status.status_code                     REL 
_pdbx_database_status.status_code_sf                  REL 
_pdbx_database_status.status_code_mr                  ? 
_pdbx_database_status.entry_id                        7Z7K 
_pdbx_database_status.recvd_initial_deposition_date   2022-03-16 
_pdbx_database_status.SG_entry                        N 
_pdbx_database_status.deposit_site                    PDBE 
_pdbx_database_status.process_site                    PDBE 
_pdbx_database_status.status_code_cs                  ? 
_pdbx_database_status.status_code_nmr_data            ? 
_pdbx_database_status.methods_development_category    ? 
_pdbx_database_status.pdb_format_compatible           Y 
# 
_pdbx_database_related.db_name        PDB 
_pdbx_database_related.details        . 
_pdbx_database_related.db_id          6ROS 
_pdbx_database_related.content_type   unspecified 
# 
_pdbx_contact_author.id                 2 
_pdbx_contact_author.email              bohdan@ibt.cas.cz 
_pdbx_contact_author.name_first         Bohdan 
_pdbx_contact_author.name_last          Schneider 
_pdbx_contact_author.name_mi            ? 
_pdbx_contact_author.role               'principal investigator/group leader' 
_pdbx_contact_author.identifier_ORCID   0000-0001-7855-3690 
# 
loop_
_audit_author.name 
_audit_author.pdbx_ordinal 
_audit_author.identifier_ORCID 
'Svoboda, J.'   1 0000-0003-3056-2357 
'Schneider, B.' 2 0000-0001-7855-3690 
'Berdar, D.'    3 ?                   
'Kolenko, P.'   4 0000-0002-4619-9276 
# 
_citation.abstract                  ? 
_citation.abstract_id_CAS           ? 
_citation.book_id_ISBN              ? 
_citation.book_publisher            ? 
_citation.book_publisher_city       ? 
_citation.book_title                ? 
_citation.coordinate_linkage        ? 
_citation.country                   ? 
_citation.database_id_Medline       ? 
_citation.details                   ? 
_citation.id                        primary 
_citation.journal_abbrev            'Acta Crystallogr D Struct Biol' 
_citation.journal_id_ASTM           ? 
_citation.journal_id_CSD            ? 
_citation.journal_id_ISSN           2059-7983 
_citation.journal_full              ? 
_citation.journal_issue             ? 
_citation.journal_volume            79 
_citation.language                  ? 
_citation.page_first                655 
_citation.page_last                 665 
_citation.title                     'Conformation-based refinement of 18-mer DNA structures.' 
_citation.year                      2023 
_citation.database_id_CSD           ? 
_citation.pdbx_database_id_DOI      10.1107/S2059798323004679 
_citation.pdbx_database_id_PubMed   37338420 
_citation.pdbx_database_id_patent   ? 
_citation.unpublished_flag          ? 
# 
loop_
_citation_author.citation_id 
_citation_author.name 
_citation_author.ordinal 
_citation_author.identifier_ORCID 
primary 'Svoboda, J.'   1 0000-0003-3056-2357 
primary 'Berdar, D.'    2 ?                   
primary 'Kolenko, P.'   3 0000-0002-4619-9276 
primary 'Cerny, J.'     4 0000-0002-1969-9304 
primary 'Novakova, Z.'  5 0000-0001-9804-6346 
primary 'Pavlicek, J.'  6 ?                   
primary 'Schneider, B.' 7 0000-0001-7855-3690 
# 
loop_
_entity.id 
_entity.type 
_entity.src_method 
_entity.pdbx_description 
_entity.formula_weight 
_entity.pdbx_number_of_molecules 
_entity.pdbx_ec 
_entity.pdbx_mutation 
_entity.pdbx_fragment 
_entity.details 
1 polymer     syn 'Chom18-AT DNA' 5518.554 1 ? ? ? ? 
2 non-polymer syn 'STRONTIUM ION' 87.620   1 ? ? ? ? 
# 
_entity_poly.entity_id                      1 
_entity_poly.type                           polydeoxyribonucleotide 
_entity_poly.nstd_linkage                   no 
_entity_poly.nstd_monomer                   no 
_entity_poly.pdbx_seq_one_letter_code       '(DG)(DG)(DT)(DG)(DG)(DG)(DG)(DC)(DA)(DT)(DG)(DC)(DC)(DC)(DC)(DA)(DC)(DC)' 
_entity_poly.pdbx_seq_one_letter_code_can   GGTGGGGCATGCCCCACC 
_entity_poly.pdbx_strand_id                 A 
_entity_poly.pdbx_target_identifier         ? 
# 
_pdbx_entity_nonpoly.entity_id   2 
_pdbx_entity_nonpoly.name        'STRONTIUM ION' 
_pdbx_entity_nonpoly.comp_id     SR 
# 
loop_
_entity_poly_seq.entity_id 
_entity_poly_seq.num 
_entity_poly_seq.mon_id 
_entity_poly_seq.hetero 
1 1  DG n 
1 2  DG n 
1 3  DT n 
1 4  DG n 
1 5  DG n 
1 6  DG n 
1 7  DG n 
1 8  DC n 
1 9  DA n 
1 10 DT n 
1 11 DG n 
1 12 DC n 
1 13 DC n 
1 14 DC n 
1 15 DC n 
1 16 DA n 
1 17 DC n 
1 18 DC n 
# 
_pdbx_entity_src_syn.entity_id              1 
_pdbx_entity_src_syn.pdbx_src_id            1 
_pdbx_entity_src_syn.pdbx_alt_source_flag   sample 
_pdbx_entity_src_syn.pdbx_beg_seq_num       1 
_pdbx_entity_src_syn.pdbx_end_seq_num       18 
_pdbx_entity_src_syn.organism_scientific    'Cardiobacterium hominis' 
_pdbx_entity_src_syn.organism_common_name   ? 
_pdbx_entity_src_syn.ncbi_taxonomy_id       2718 
_pdbx_entity_src_syn.details                ? 
# 
loop_
_chem_comp.id 
_chem_comp.type 
_chem_comp.mon_nstd_flag 
_chem_comp.name 
_chem_comp.pdbx_synonyms 
_chem_comp.formula 
_chem_comp.formula_weight 
DA 'DNA linking' y "2'-DEOXYADENOSINE-5'-MONOPHOSPHATE" ? 'C10 H14 N5 O6 P' 331.222 
DC 'DNA linking' y "2'-DEOXYCYTIDINE-5'-MONOPHOSPHATE"  ? 'C9 H14 N3 O7 P'  307.197 
DG 'DNA linking' y "2'-DEOXYGUANOSINE-5'-MONOPHOSPHATE" ? 'C10 H14 N5 O7 P' 347.221 
DT 'DNA linking' y "THYMIDINE-5'-MONOPHOSPHATE"         ? 'C10 H15 N2 O8 P' 322.208 
SR non-polymer   . 'STRONTIUM ION'                      ? 'Sr 2'            87.620  
# 
loop_
_pdbx_poly_seq_scheme.asym_id 
_pdbx_poly_seq_scheme.entity_id 
_pdbx_poly_seq_scheme.seq_id 
_pdbx_poly_seq_scheme.mon_id 
_pdbx_poly_seq_scheme.ndb_seq_num 
_pdbx_poly_seq_scheme.pdb_seq_num 
_pdbx_poly_seq_scheme.auth_seq_num 
_pdbx_poly_seq_scheme.pdb_mon_id 
_pdbx_poly_seq_scheme.auth_mon_id 
_pdbx_poly_seq_scheme.pdb_strand_id 
_pdbx_poly_seq_scheme.pdb_ins_code 
_pdbx_poly_seq_scheme.hetero 
A 1 1  DG 1  1  1  DG DG A . n 
A 1 2  DG 2  2  2  DG DG A . n 
A 1 3  DT 3  3  3  DT DT A . n 
A 1 4  DG 4  4  4  DG DG A . n 
A 1 5  DG 5  5  5  DG DG A . n 
A 1 6  DG 6  6  6  DG DG A . n 
A 1 7  DG 7  7  7  DG DG A . n 
A 1 8  DC 8  8  8  DC DC A . n 
A 1 9  DA 9  9  9  DA DA A . n 
A 1 10 DT 10 10 10 DT DT A . n 
A 1 11 DG 11 11 11 DG DG A . n 
A 1 12 DC 12 12 12 DC DC A . n 
A 1 13 DC 13 13 13 DC DC A . n 
A 1 14 DC 14 14 14 DC DC A . n 
A 1 15 DC 15 15 15 DC DC A . n 
A 1 16 DA 16 16 16 DA DA A . n 
A 1 17 DC 17 17 17 DC DC A . n 
A 1 18 DC 18 18 18 DC DC A . n 
# 
_pdbx_nonpoly_scheme.asym_id         B 
_pdbx_nonpoly_scheme.entity_id       2 
_pdbx_nonpoly_scheme.mon_id          SR 
_pdbx_nonpoly_scheme.ndb_seq_num     1 
_pdbx_nonpoly_scheme.pdb_seq_num     101 
_pdbx_nonpoly_scheme.auth_seq_num    1 
_pdbx_nonpoly_scheme.pdb_mon_id      SR 
_pdbx_nonpoly_scheme.auth_mon_id     SR 
_pdbx_nonpoly_scheme.pdb_strand_id   A 
_pdbx_nonpoly_scheme.pdb_ins_code    . 
# 
loop_
_software.citation_id 
_software.classification 
_software.compiler_name 
_software.compiler_version 
_software.contact_author 
_software.contact_author_email 
_software.date 
_software.description 
_software.dependencies 
_software.hardware 
_software.language 
_software.location 
_software.mods 
_software.name 
_software.os 
_software.os_version 
_software.type 
_software.version 
_software.pdbx_ordinal 
? refinement       ? ? ? ? ? ? ? ? ? ? ? PHENIX  ? ? ? 1.19.2_4158 1 
? 'data reduction' ? ? ? ? ? ? ? ? ? ? ? XDS     ? ? ? 20210323    2 
? 'data scaling'   ? ? ? ? ? ? ? ? ? ? ? Aimless ? ? ? 0.7.7       3 
? phasing          ? ? ? ? ? ? ? ? ? ? ? PHASER  ? ? ? 2.8.3       4 
# 
_cell.angle_alpha                  90.000 
_cell.angle_alpha_esd              ? 
_cell.angle_beta                   90.000 
_cell.angle_beta_esd               ? 
_cell.angle_gamma                  90.000 
_cell.angle_gamma_esd              ? 
_cell.entry_id                     7Z7K 
_cell.details                      ? 
_cell.formula_units_Z              ? 
_cell.length_a                     38.185 
_cell.length_a_esd                 ? 
_cell.length_b                     38.185 
_cell.length_b_esd                 ? 
_cell.length_c                     87.816 
_cell.length_c_esd                 ? 
_cell.volume                       128044.002 
_cell.volume_esd                   ? 
_cell.Z_PDB                        8 
_cell.reciprocal_angle_alpha       ? 
_cell.reciprocal_angle_beta        ? 
_cell.reciprocal_angle_gamma       ? 
_cell.reciprocal_angle_alpha_esd   ? 
_cell.reciprocal_angle_beta_esd    ? 
_cell.reciprocal_angle_gamma_esd   ? 
_cell.reciprocal_length_a          ? 
_cell.reciprocal_length_b          ? 
_cell.reciprocal_length_c          ? 
_cell.reciprocal_length_a_esd      ? 
_cell.reciprocal_length_b_esd      ? 
_cell.reciprocal_length_c_esd      ? 
_cell.pdbx_unique_axis             ? 
# 
_symmetry.entry_id                         7Z7K 
_symmetry.cell_setting                     ? 
_symmetry.Int_Tables_number                96 
_symmetry.space_group_name_Hall            'P 4nw 2abw' 
_symmetry.space_group_name_H-M             'P 43 21 2' 
_symmetry.pdbx_full_space_group_name_H-M   ? 
# 
_exptl.absorpt_coefficient_mu     ? 
_exptl.absorpt_correction_T_max   ? 
_exptl.absorpt_correction_T_min   ? 
_exptl.absorpt_correction_type    ? 
_exptl.absorpt_process_details    ? 
_exptl.entry_id                   7Z7K 
_exptl.crystals_number            1 
_exptl.details                    ? 
_exptl.method                     'X-RAY DIFFRACTION' 
_exptl.method_details             ? 
# 
_exptl_crystal.colour                      ? 
_exptl_crystal.density_diffrn              ? 
_exptl_crystal.density_Matthews            2.90 
_exptl_crystal.density_method              ? 
_exptl_crystal.density_percent_sol         57.59 
_exptl_crystal.description                 ? 
_exptl_crystal.F_000                       ? 
_exptl_crystal.id                          1 
_exptl_crystal.preparation                 ? 
_exptl_crystal.size_max                    ? 
_exptl_crystal.size_mid                    ? 
_exptl_crystal.size_min                    ? 
_exptl_crystal.size_rad                    ? 
_exptl_crystal.colour_lustre               ? 
_exptl_crystal.colour_modifier             ? 
_exptl_crystal.colour_primary              ? 
_exptl_crystal.density_meas                ? 
_exptl_crystal.density_meas_esd            ? 
_exptl_crystal.density_meas_gt             ? 
_exptl_crystal.density_meas_lt             ? 
_exptl_crystal.density_meas_temp           ? 
_exptl_crystal.density_meas_temp_esd       ? 
_exptl_crystal.density_meas_temp_gt        ? 
_exptl_crystal.density_meas_temp_lt        ? 
_exptl_crystal.pdbx_crystal_image_url      ? 
_exptl_crystal.pdbx_crystal_image_format   ? 
_exptl_crystal.pdbx_mosaicity              ? 
_exptl_crystal.pdbx_mosaicity_esd          ? 
# 
_exptl_crystal_grow.apparatus       ? 
_exptl_crystal_grow.atmosphere      ? 
_exptl_crystal_grow.crystal_id      1 
_exptl_crystal_grow.details         ? 
_exptl_crystal_grow.method          'VAPOR DIFFUSION, HANGING DROP' 
_exptl_crystal_grow.method_ref      ? 
_exptl_crystal_grow.pH              6.5 
_exptl_crystal_grow.pressure        ? 
_exptl_crystal_grow.pressure_esd    ? 
_exptl_crystal_grow.seeding         ? 
_exptl_crystal_grow.seeding_ref     ? 
_exptl_crystal_grow.temp            293 
_exptl_crystal_grow.temp_details    ? 
_exptl_crystal_grow.temp_esd        ? 
_exptl_crystal_grow.time            ? 
_exptl_crystal_grow.pdbx_details    
;Natrix crystallization screen (Hampton Research)
precipitant 18-22% (+/-)-2-Methyl-2,4-pentanediol
buffer 0.04 M Sodium cacodylate trihydrate
salt 0.04 M Magnezium chloride hexahydrate
0.08 M Strontium chloride hexahydrate
additive 0.012 M spermine tetrahydrochloride
;
_exptl_crystal_grow.pdbx_pH_range   ? 
# 
_diffrn.ambient_environment              ? 
_diffrn.ambient_temp                     100 
_diffrn.ambient_temp_details             ? 
_diffrn.ambient_temp_esd                 ? 
_diffrn.crystal_id                       1 
_diffrn.crystal_support                  ? 
_diffrn.crystal_treatment                ? 
_diffrn.details                          ? 
_diffrn.id                               1 
_diffrn.ambient_pressure                 ? 
_diffrn.ambient_pressure_esd             ? 
_diffrn.ambient_pressure_gt              ? 
_diffrn.ambient_pressure_lt              ? 
_diffrn.ambient_temp_gt                  ? 
_diffrn.ambient_temp_lt                  ? 
_diffrn.pdbx_serial_crystal_experiment   N 
# 
_diffrn_detector.details                      ? 
_diffrn_detector.detector                     PIXEL 
_diffrn_detector.diffrn_id                    1 
_diffrn_detector.type                         'DECTRIS PILATUS 6M' 
_diffrn_detector.area_resol_mean              ? 
_diffrn_detector.dtime                        ? 
_diffrn_detector.pdbx_frames_total            ? 
_diffrn_detector.pdbx_collection_time_total   ? 
_diffrn_detector.pdbx_collection_date         2021-07-22 
_diffrn_detector.pdbx_frequency               ? 
# 
_diffrn_radiation.collimation                      ? 
_diffrn_radiation.diffrn_id                        1 
_diffrn_radiation.filter_edge                      ? 
_diffrn_radiation.inhomogeneity                    ? 
_diffrn_radiation.monochromator                    'Si (111)' 
_diffrn_radiation.polarisn_norm                    ? 
_diffrn_radiation.polarisn_ratio                   ? 
_diffrn_radiation.probe                            ? 
_diffrn_radiation.type                             ? 
_diffrn_radiation.xray_symbol                      ? 
_diffrn_radiation.wavelength_id                    1 
_diffrn_radiation.pdbx_monochromatic_or_laue_m_l   M 
_diffrn_radiation.pdbx_wavelength_list             ? 
_diffrn_radiation.pdbx_wavelength                  ? 
_diffrn_radiation.pdbx_diffrn_protocol             'SINGLE WAVELENGTH' 
_diffrn_radiation.pdbx_analyzer                    ? 
_diffrn_radiation.pdbx_scattering_type             x-ray 
# 
_diffrn_radiation_wavelength.id           1 
_diffrn_radiation_wavelength.wavelength   0.9184 
_diffrn_radiation_wavelength.wt           1.0 
# 
_diffrn_source.current                     ? 
_diffrn_source.details                     ? 
_diffrn_source.diffrn_id                   1 
_diffrn_source.power                       ? 
_diffrn_source.size                        ? 
_diffrn_source.source                      SYNCHROTRON 
_diffrn_source.target                      ? 
_diffrn_source.type                        'BESSY BEAMLINE 14.1' 
_diffrn_source.voltage                     ? 
_diffrn_source.take-off_angle              ? 
_diffrn_source.pdbx_wavelength_list        0.9184 
_diffrn_source.pdbx_wavelength             ? 
_diffrn_source.pdbx_synchrotron_beamline   14.1 
_diffrn_source.pdbx_synchrotron_site       BESSY 
# 
_reflns.B_iso_Wilson_estimate                          95.07 
_reflns.entry_id                                       7Z7K 
_reflns.data_reduction_details                         ? 
_reflns.data_reduction_method                          ? 
_reflns.d_resolution_high                              2.70 
_reflns.d_resolution_low                               43.91 
_reflns.details                                        ? 
_reflns.limit_h_max                                    ? 
_reflns.limit_h_min                                    ? 
_reflns.limit_k_max                                    ? 
_reflns.limit_k_min                                    ? 
_reflns.limit_l_max                                    ? 
_reflns.limit_l_min                                    ? 
_reflns.number_all                                     ? 
_reflns.number_obs                                     2062 
_reflns.observed_criterion                             ? 
_reflns.observed_criterion_F_max                       ? 
_reflns.observed_criterion_F_min                       ? 
_reflns.observed_criterion_I_max                       ? 
_reflns.observed_criterion_I_min                       ? 
_reflns.observed_criterion_sigma_F                     ? 
_reflns.observed_criterion_sigma_I                     ? 
_reflns.percent_possible_obs                           100 
_reflns.R_free_details                                 ? 
_reflns.Rmerge_F_all                                   ? 
_reflns.Rmerge_F_obs                                   ? 
_reflns.Friedel_coverage                               ? 
_reflns.number_gt                                      ? 
_reflns.threshold_expression                           ? 
_reflns.pdbx_redundancy                                22.2 
_reflns.pdbx_Rmerge_I_obs                              0.085 
_reflns.pdbx_Rmerge_I_all                              ? 
_reflns.pdbx_Rsym_value                                ? 
_reflns.pdbx_netI_over_av_sigmaI                       ? 
_reflns.pdbx_netI_over_sigmaI                          22.6 
_reflns.pdbx_res_netI_over_av_sigmaI_2                 ? 
_reflns.pdbx_res_netI_over_sigmaI_2                    ? 
_reflns.pdbx_chi_squared                               1.08 
_reflns.pdbx_scaling_rejects                           ? 
_reflns.pdbx_d_res_high_opt                            ? 
_reflns.pdbx_d_res_low_opt                             ? 
_reflns.pdbx_d_res_opt_method                          ? 
_reflns.phase_calculation_details                      ? 
_reflns.pdbx_Rrim_I_all                                0.088 
_reflns.pdbx_Rpim_I_all                                0.019 
_reflns.pdbx_d_opt                                     ? 
_reflns.pdbx_number_measured_all                       ? 
_reflns.pdbx_diffrn_id                                 1 
_reflns.pdbx_ordinal                                   1 
_reflns.pdbx_CC_half                                   0.999 
_reflns.pdbx_CC_star                                   ? 
_reflns.pdbx_R_split                                   ? 
_reflns.pdbx_aniso_diffraction_limit_axis_1_ortho[1]   ? 
_reflns.pdbx_aniso_diffraction_limit_axis_1_ortho[2]   ? 
_reflns.pdbx_aniso_diffraction_limit_axis_1_ortho[3]   ? 
_reflns.pdbx_aniso_diffraction_limit_axis_2_ortho[1]   ? 
_reflns.pdbx_aniso_diffraction_limit_axis_2_ortho[2]   ? 
_reflns.pdbx_aniso_diffraction_limit_axis_2_ortho[3]   ? 
_reflns.pdbx_aniso_diffraction_limit_axis_3_ortho[1]   ? 
_reflns.pdbx_aniso_diffraction_limit_axis_3_ortho[2]   ? 
_reflns.pdbx_aniso_diffraction_limit_axis_3_ortho[3]   ? 
_reflns.pdbx_aniso_diffraction_limit_1                 ? 
_reflns.pdbx_aniso_diffraction_limit_2                 ? 
_reflns.pdbx_aniso_diffraction_limit_3                 ? 
_reflns.pdbx_aniso_B_tensor_eigenvector_1_ortho[1]     ? 
_reflns.pdbx_aniso_B_tensor_eigenvector_1_ortho[2]     ? 
_reflns.pdbx_aniso_B_tensor_eigenvector_1_ortho[3]     ? 
_reflns.pdbx_aniso_B_tensor_eigenvector_2_ortho[1]     ? 
_reflns.pdbx_aniso_B_tensor_eigenvector_2_ortho[2]     ? 
_reflns.pdbx_aniso_B_tensor_eigenvector_2_ortho[3]     ? 
_reflns.pdbx_aniso_B_tensor_eigenvector_3_ortho[1]     ? 
_reflns.pdbx_aniso_B_tensor_eigenvector_3_ortho[2]     ? 
_reflns.pdbx_aniso_B_tensor_eigenvector_3_ortho[3]     ? 
_reflns.pdbx_aniso_B_tensor_eigenvalue_1               ? 
_reflns.pdbx_aniso_B_tensor_eigenvalue_2               ? 
_reflns.pdbx_aniso_B_tensor_eigenvalue_3               ? 
_reflns.pdbx_orthogonalization_convention              ? 
_reflns.pdbx_percent_possible_ellipsoidal              ? 
_reflns.pdbx_percent_possible_spherical                ? 
_reflns.pdbx_percent_possible_ellipsoidal_anomalous    ? 
_reflns.pdbx_percent_possible_spherical_anomalous      ? 
_reflns.pdbx_redundancy_anomalous                      ? 
_reflns.pdbx_CC_half_anomalous                         ? 
_reflns.pdbx_absDiff_over_sigma_anomalous              ? 
_reflns.pdbx_percent_possible_anomalous                ? 
_reflns.pdbx_observed_signal_threshold                 ? 
_reflns.pdbx_signal_type                               ? 
_reflns.pdbx_signal_details                            ? 
_reflns.pdbx_signal_software_id                        ? 
# 
_reflns_shell.d_res_high                                    2.70 
_reflns_shell.d_res_low                                     2.85 
_reflns_shell.meanI_over_sigI_all                           ? 
_reflns_shell.meanI_over_sigI_obs                           2.2 
_reflns_shell.number_measured_all                           ? 
_reflns_shell.number_measured_obs                           ? 
_reflns_shell.number_possible                               ? 
_reflns_shell.number_unique_all                             ? 
_reflns_shell.number_unique_obs                             280 
_reflns_shell.percent_possible_all                          100 
_reflns_shell.percent_possible_obs                          ? 
_reflns_shell.Rmerge_F_all                                  ? 
_reflns_shell.Rmerge_F_obs                                  ? 
_reflns_shell.Rmerge_I_all                                  ? 
_reflns_shell.Rmerge_I_obs                                  1.939 
_reflns_shell.meanI_over_sigI_gt                            ? 
_reflns_shell.meanI_over_uI_all                             ? 
_reflns_shell.meanI_over_uI_gt                              ? 
_reflns_shell.number_measured_gt                            ? 
_reflns_shell.number_unique_gt                              ? 
_reflns_shell.percent_possible_gt                           ? 
_reflns_shell.Rmerge_F_gt                                   ? 
_reflns_shell.Rmerge_I_gt                                   ? 
_reflns_shell.pdbx_redundancy                               24.8 
_reflns_shell.pdbx_Rsym_value                               ? 
_reflns_shell.pdbx_chi_squared                              ? 
_reflns_shell.pdbx_netI_over_sigmaI_all                     ? 
_reflns_shell.pdbx_netI_over_sigmaI_obs                     ? 
_reflns_shell.pdbx_Rrim_I_all                               1.980 
_reflns_shell.pdbx_Rpim_I_all                               0.395 
_reflns_shell.pdbx_rejects                                  ? 
_reflns_shell.pdbx_ordinal                                  1 
_reflns_shell.pdbx_diffrn_id                                1 
_reflns_shell.pdbx_CC_half                                  0.678 
_reflns_shell.pdbx_CC_star                                  ? 
_reflns_shell.pdbx_R_split                                  ? 
_reflns_shell.pdbx_percent_possible_ellipsoidal             ? 
_reflns_shell.pdbx_percent_possible_spherical               ? 
_reflns_shell.pdbx_percent_possible_ellipsoidal_anomalous   ? 
_reflns_shell.pdbx_percent_possible_spherical_anomalous     ? 
_reflns_shell.pdbx_redundancy_anomalous                     ? 
_reflns_shell.pdbx_CC_half_anomalous                        ? 
_reflns_shell.pdbx_absDiff_over_sigma_anomalous             ? 
_reflns_shell.pdbx_percent_possible_anomalous               ? 
# 
_refine.aniso_B[1][1]                            ? 
_refine.aniso_B[1][2]                            ? 
_refine.aniso_B[1][3]                            ? 
_refine.aniso_B[2][2]                            ? 
_refine.aniso_B[2][3]                            ? 
_refine.aniso_B[3][3]                            ? 
_refine.B_iso_max                                ? 
_refine.B_iso_mean                               93.07 
_refine.B_iso_min                                ? 
_refine.correlation_coeff_Fo_to_Fc               ? 
_refine.correlation_coeff_Fo_to_Fc_free          ? 
_refine.details                                  ? 
_refine.diff_density_max                         ? 
_refine.diff_density_max_esd                     ? 
_refine.diff_density_min                         ? 
_refine.diff_density_min_esd                     ? 
_refine.diff_density_rms                         ? 
_refine.diff_density_rms_esd                     ? 
_refine.entry_id                                 7Z7K 
_refine.pdbx_refine_id                           'X-RAY DIFFRACTION' 
_refine.ls_abs_structure_details                 ? 
_refine.ls_abs_structure_Flack                   ? 
_refine.ls_abs_structure_Flack_esd               ? 
_refine.ls_abs_structure_Rogers                  ? 
_refine.ls_abs_structure_Rogers_esd              ? 
_refine.ls_d_res_high                            2.70 
_refine.ls_d_res_low                             23.23 
_refine.ls_extinction_coef                       ? 
_refine.ls_extinction_coef_esd                   ? 
_refine.ls_extinction_expression                 ? 
_refine.ls_extinction_method                     ? 
_refine.ls_goodness_of_fit_all                   ? 
_refine.ls_goodness_of_fit_all_esd               ? 
_refine.ls_goodness_of_fit_obs                   ? 
_refine.ls_goodness_of_fit_obs_esd               ? 
_refine.ls_hydrogen_treatment                    ? 
_refine.ls_matrix_type                           ? 
_refine.ls_number_constraints                    ? 
_refine.ls_number_parameters                     ? 
_refine.ls_number_reflns_all                     ? 
_refine.ls_number_reflns_obs                     1994 
_refine.ls_number_reflns_R_free                  105 
_refine.ls_number_reflns_R_work                  0 
_refine.ls_number_restraints                     ? 
_refine.ls_percent_reflns_obs                    98.28 
_refine.ls_percent_reflns_R_free                 5 
_refine.ls_R_factor_all                          ? 
_refine.ls_R_factor_obs                          0.2712 
_refine.ls_R_factor_R_free                       0.3361 
_refine.ls_R_factor_R_free_error                 ? 
_refine.ls_R_factor_R_free_error_details         ? 
_refine.ls_R_factor_R_work                       0.2605 
_refine.ls_R_Fsqd_factor_obs                     ? 
_refine.ls_R_I_factor_obs                        ? 
_refine.ls_redundancy_reflns_all                 ? 
_refine.ls_redundancy_reflns_obs                 ? 
_refine.ls_restrained_S_all                      ? 
_refine.ls_restrained_S_obs                      ? 
_refine.ls_shift_over_esd_max                    ? 
_refine.ls_shift_over_esd_mean                   ? 
_refine.ls_structure_factor_coef                 ? 
_refine.ls_weighting_details                     ? 
_refine.ls_weighting_scheme                      ? 
_refine.ls_wR_factor_all                         ? 
_refine.ls_wR_factor_obs                         ? 
_refine.ls_wR_factor_R_free                      ? 
_refine.ls_wR_factor_R_work                      ? 
_refine.occupancy_max                            ? 
_refine.occupancy_min                            ? 
_refine.solvent_model_details                    'FLAT BULK SOLVENT MODEL' 
_refine.solvent_model_param_bsol                 ? 
_refine.solvent_model_param_ksol                 ? 
_refine.pdbx_R_complete                          ? 
_refine.ls_R_factor_gt                           ? 
_refine.ls_goodness_of_fit_gt                    ? 
_refine.ls_goodness_of_fit_ref                   ? 
_refine.ls_shift_over_su_max                     ? 
_refine.ls_shift_over_su_max_lt                  ? 
_refine.ls_shift_over_su_mean                    ? 
_refine.ls_shift_over_su_mean_lt                 ? 
_refine.pdbx_ls_sigma_I                          ? 
_refine.pdbx_ls_sigma_F                          1.34 
_refine.pdbx_ls_sigma_Fsqd                       ? 
_refine.pdbx_data_cutoff_high_absF               ? 
_refine.pdbx_data_cutoff_high_rms_absF           ? 
_refine.pdbx_data_cutoff_low_absF                ? 
_refine.pdbx_isotropic_thermal_model             ? 
_refine.pdbx_ls_cross_valid_method               'FREE R-VALUE' 
_refine.pdbx_method_to_determine_struct          'MOLECULAR REPLACEMENT' 
_refine.pdbx_starting_model                      6ROS 
_refine.pdbx_stereochemistry_target_values       'GeoStd + Monomer Library + CDL v1.2' 
_refine.pdbx_R_Free_selection_details            Random 
_refine.pdbx_stereochem_target_val_spec_case     ? 
_refine.pdbx_overall_ESU_R                       ? 
_refine.pdbx_overall_ESU_R_Free                  ? 
_refine.pdbx_solvent_vdw_probe_radii             1.1100 
_refine.pdbx_solvent_ion_probe_radii             ? 
_refine.pdbx_solvent_shrinkage_radii             0.9000 
_refine.pdbx_real_space_R                        ? 
_refine.pdbx_density_correlation                 ? 
_refine.pdbx_pd_number_of_powder_patterns        ? 
_refine.pdbx_pd_number_of_points                 ? 
_refine.pdbx_pd_meas_number_of_points            ? 
_refine.pdbx_pd_proc_ls_prof_R_factor            ? 
_refine.pdbx_pd_proc_ls_prof_wR_factor           ? 
_refine.pdbx_pd_Marquardt_correlation_coeff      ? 
_refine.pdbx_pd_Fsqrd_R_factor                   ? 
_refine.pdbx_pd_ls_matrix_band_width             ? 
_refine.pdbx_overall_phase_error                 35.4935 
_refine.pdbx_overall_SU_R_free_Cruickshank_DPI   ? 
_refine.pdbx_overall_SU_R_free_Blow_DPI          ? 
_refine.pdbx_overall_SU_R_Blow_DPI               ? 
_refine.pdbx_TLS_residual_ADP_flag               ? 
_refine.pdbx_diffrn_id                           1 
_refine.overall_SU_B                             ? 
_refine.overall_SU_ML                            0.5713 
_refine.overall_SU_R_Cruickshank_DPI             ? 
_refine.overall_SU_R_free                        ? 
_refine.overall_FOM_free_R_set                   ? 
_refine.overall_FOM_work_R_set                   ? 
_refine.pdbx_average_fsc_overall                 ? 
_refine.pdbx_average_fsc_work                    ? 
_refine.pdbx_average_fsc_free                    ? 
# 
_refine_hist.pdbx_refine_id                   'X-RAY DIFFRACTION' 
_refine_hist.cycle_id                         LAST 
_refine_hist.details                          ? 
_refine_hist.d_res_high                       2.70 
_refine_hist.d_res_low                        23.23 
_refine_hist.number_atoms_solvent             0 
_refine_hist.number_atoms_total               367 
_refine_hist.number_reflns_all                ? 
_refine_hist.number_reflns_obs                ? 
_refine_hist.number_reflns_R_free             ? 
_refine_hist.number_reflns_R_work             ? 
_refine_hist.R_factor_all                     ? 
_refine_hist.R_factor_obs                     ? 
_refine_hist.R_factor_R_free                  ? 
_refine_hist.R_factor_R_work                  ? 
_refine_hist.pdbx_number_residues_total       ? 
_refine_hist.pdbx_B_iso_mean_ligand           ? 
_refine_hist.pdbx_B_iso_mean_solvent          ? 
_refine_hist.pdbx_number_atoms_protein        0 
_refine_hist.pdbx_number_atoms_nucleic_acid   366 
_refine_hist.pdbx_number_atoms_ligand         1 
_refine_hist.pdbx_number_atoms_lipid          ? 
_refine_hist.pdbx_number_atoms_carb           ? 
_refine_hist.pdbx_pseudo_atom_details         ? 
# 
loop_
_refine_ls_restr.pdbx_refine_id 
_refine_ls_restr.criterion 
_refine_ls_restr.dev_ideal 
_refine_ls_restr.dev_ideal_target 
_refine_ls_restr.number 
_refine_ls_restr.rejects 
_refine_ls_restr.type 
_refine_ls_restr.weight 
_refine_ls_restr.pdbx_restraint_function 
'X-RAY DIFFRACTION' ? 0.0114  ? 410 ? f_bond_d           ? ? 
'X-RAY DIFFRACTION' ? 1.4251  ? 631 ? f_angle_d          ? ? 
'X-RAY DIFFRACTION' ? 0.0784  ? 71  ? f_chiral_restr     ? ? 
'X-RAY DIFFRACTION' ? 0.0062  ? 18  ? f_plane_restr      ? ? 
'X-RAY DIFFRACTION' ? 17.6205 ? 176 ? f_dihedral_angle_d ? ? 
# 
_refine_ls_shell.pdbx_refine_id                   'X-RAY DIFFRACTION' 
_refine_ls_shell.d_res_high                       2.70 
_refine_ls_shell.d_res_low                        2.80 
_refine_ls_shell.number_reflns_all                ? 
_refine_ls_shell.number_reflns_obs                ? 
_refine_ls_shell.number_reflns_R_free             10 
_refine_ls_shell.number_reflns_R_work             171 
_refine_ls_shell.percent_reflns_obs               92 
_refine_ls_shell.percent_reflns_R_free            5.7 
_refine_ls_shell.R_factor_all                     ? 
_refine_ls_shell.R_factor_obs                     ? 
_refine_ls_shell.R_factor_R_free                  0.5770 
_refine_ls_shell.R_factor_R_free_error            ? 
_refine_ls_shell.R_factor_R_work                  0.4360 
_refine_ls_shell.redundancy_reflns_all            ? 
_refine_ls_shell.redundancy_reflns_obs            ? 
_refine_ls_shell.wR_factor_all                    ? 
_refine_ls_shell.wR_factor_obs                    ? 
_refine_ls_shell.wR_factor_R_free                 ? 
_refine_ls_shell.wR_factor_R_work                 ? 
_refine_ls_shell.pdbx_R_complete                  ? 
_refine_ls_shell.pdbx_total_number_of_bins_used   ? 
_refine_ls_shell.pdbx_phase_error                 ? 
_refine_ls_shell.pdbx_fsc_work                    ? 
_refine_ls_shell.pdbx_fsc_free                    ? 
# 
_struct.entry_id                     7Z7K 
_struct.title                        'REP-related Chom18 variant with double AT base pairing' 
_struct.pdbx_model_details           ? 
_struct.pdbx_formula_weight          ? 
_struct.pdbx_formula_weight_method   ? 
_struct.pdbx_model_type_details      ? 
_struct.pdbx_CASP_flag               N 
# 
_struct_keywords.entry_id        7Z7K 
_struct_keywords.text            'Mismatch, Non-canonical, Base pair, Double helix, DNA' 
_struct_keywords.pdbx_keywords   DNA 
# 
loop_
_struct_asym.id 
_struct_asym.pdbx_blank_PDB_chainid_flag 
_struct_asym.pdbx_modified 
_struct_asym.entity_id 
_struct_asym.details 
A N N 1 ? 
B N N 2 ? 
# 
_struct_ref.id                         1 
_struct_ref.db_name                    PDB 
_struct_ref.db_code                    7Z7K 
_struct_ref.pdbx_db_accession          7Z7K 
_struct_ref.pdbx_db_isoform            ? 
_struct_ref.entity_id                  1 
_struct_ref.pdbx_seq_one_letter_code   ? 
_struct_ref.pdbx_align_begin           1 
# 
_struct_ref_seq.align_id                      1 
_struct_ref_seq.ref_id                        1 
_struct_ref_seq.pdbx_PDB_id_code              7Z7K 
_struct_ref_seq.pdbx_strand_id                A 
_struct_ref_seq.seq_align_beg                 1 
_struct_ref_seq.pdbx_seq_align_beg_ins_code   ? 
_struct_ref_seq.seq_align_end                 18 
_struct_ref_seq.pdbx_seq_align_end_ins_code   ? 
_struct_ref_seq.pdbx_db_accession             7Z7K 
_struct_ref_seq.db_align_beg                  1 
_struct_ref_seq.pdbx_db_align_beg_ins_code    ? 
_struct_ref_seq.db_align_end                  18 
_struct_ref_seq.pdbx_db_align_end_ins_code    ? 
_struct_ref_seq.pdbx_auth_seq_align_beg       1 
_struct_ref_seq.pdbx_auth_seq_align_end       18 
# 
_pdbx_struct_assembly.id                   1 
_pdbx_struct_assembly.details              author_and_software_defined_assembly 
_pdbx_struct_assembly.method_details       PISA 
_pdbx_struct_assembly.oligomeric_details   dimeric 
_pdbx_struct_assembly.oligomeric_count     2 
# 
loop_
_pdbx_struct_assembly_prop.biol_id 
_pdbx_struct_assembly_prop.type 
_pdbx_struct_assembly_prop.value 
_pdbx_struct_assembly_prop.details 
1 'ABSA (A^2)' 2160 ? 
1 MORE         -67  ? 
1 'SSA (A^2)'  6350 ? 
# 
_pdbx_struct_assembly_gen.assembly_id       1 
_pdbx_struct_assembly_gen.oper_expression   1,2 
_pdbx_struct_assembly_gen.asym_id_list      A,B 
# 
_pdbx_struct_assembly_auth_evidence.id                     1 
_pdbx_struct_assembly_auth_evidence.assembly_id            1 
_pdbx_struct_assembly_auth_evidence.experimental_support   none 
_pdbx_struct_assembly_auth_evidence.details                ? 
# 
loop_
_pdbx_struct_oper_list.id 
_pdbx_struct_oper_list.type 
_pdbx_struct_oper_list.name 
_pdbx_struct_oper_list.symmetry_operation 
_pdbx_struct_oper_list.matrix[1][1] 
_pdbx_struct_oper_list.matrix[1][2] 
_pdbx_struct_oper_list.matrix[1][3] 
_pdbx_struct_oper_list.vector[1] 
_pdbx_struct_oper_list.matrix[2][1] 
_pdbx_struct_oper_list.matrix[2][2] 
_pdbx_struct_oper_list.matrix[2][3] 
_pdbx_struct_oper_list.vector[2] 
_pdbx_struct_oper_list.matrix[3][1] 
_pdbx_struct_oper_list.matrix[3][2] 
_pdbx_struct_oper_list.matrix[3][3] 
_pdbx_struct_oper_list.vector[3] 
1 'identity operation'         1_555 x,y,z      1.0000000000  0.0000000000  0.0000000000  0.0000000000 0.0000000000  1.0000000000  0.0000000000 0.0000000000 0.0000000000  0.0000000000 1.0000000000 0.0000000000 
2 'crystal symmetry operation' 7_465 y-1,x+1,-z -0.8741803323 -0.2801977047 -0.3966081100 3.0690083024 -0.2801977047 -0.3760057140 0.8832377649 0.7532346745 -0.3966081100 0.8832377649 0.2501860463 0.4414609119 
# 
loop_
_struct_conn.id 
_struct_conn.conn_type_id 
_struct_conn.pdbx_leaving_atom_flag 
_struct_conn.pdbx_PDB_id 
_struct_conn.ptnr1_label_asym_id 
_struct_conn.ptnr1_label_comp_id 
_struct_conn.ptnr1_label_seq_id 
_struct_conn.ptnr1_label_atom_id 
_struct_conn.pdbx_ptnr1_label_alt_id 
_struct_conn.pdbx_ptnr1_PDB_ins_code 
_struct_conn.pdbx_ptnr1_standard_comp_id 
_struct_conn.ptnr1_symmetry 
_struct_conn.ptnr2_label_asym_id 
_struct_conn.ptnr2_label_comp_id 
_struct_conn.ptnr2_label_seq_id 
_struct_conn.ptnr2_label_atom_id 
_struct_conn.pdbx_ptnr2_label_alt_id 
_struct_conn.pdbx_ptnr2_PDB_ins_code 
_struct_conn.ptnr1_auth_asym_id 
_struct_conn.ptnr1_auth_comp_id 
_struct_conn.ptnr1_auth_seq_id 
_struct_conn.ptnr2_auth_asym_id 
_struct_conn.ptnr2_auth_comp_id 
_struct_conn.ptnr2_auth_seq_id 
_struct_conn.ptnr2_symmetry 
_struct_conn.pdbx_ptnr3_label_atom_id 
_struct_conn.pdbx_ptnr3_label_seq_id 
_struct_conn.pdbx_ptnr3_label_comp_id 
_struct_conn.pdbx_ptnr3_label_asym_id 
_struct_conn.pdbx_ptnr3_label_alt_id 
_struct_conn.pdbx_ptnr3_PDB_ins_code 
_struct_conn.details 
_struct_conn.pdbx_dist_value 
_struct_conn.pdbx_value_order 
_struct_conn.pdbx_role 
metalc1  metalc ? ? A DG 6  O6 ? ? ? 1_555 B SR .  SR ? ? A DG 6  A SR 101 1_555 ? ? ? ? ? ? ?            2.855 ? ? 
hydrog1  hydrog ? ? A DG 1  N1 ? ? ? 1_555 A DC 18 N3 ? ? A DG 1  A DC 18  7_465 ? ? ? ? ? ? WATSON-CRICK ?     ? ? 
hydrog2  hydrog ? ? A DG 1  N2 ? ? ? 1_555 A DC 18 O2 ? ? A DG 1  A DC 18  7_465 ? ? ? ? ? ? WATSON-CRICK ?     ? ? 
hydrog3  hydrog ? ? A DG 1  O6 ? ? ? 1_555 A DC 18 N4 ? ? A DG 1  A DC 18  7_465 ? ? ? ? ? ? WATSON-CRICK ?     ? ? 
hydrog4  hydrog ? ? A DG 2  N1 ? ? ? 1_555 A DC 17 N3 ? ? A DG 2  A DC 17  7_465 ? ? ? ? ? ? WATSON-CRICK ?     ? ? 
hydrog5  hydrog ? ? A DG 2  N2 ? ? ? 1_555 A DC 17 O2 ? ? A DG 2  A DC 17  7_465 ? ? ? ? ? ? WATSON-CRICK ?     ? ? 
hydrog6  hydrog ? ? A DG 2  O6 ? ? ? 1_555 A DC 17 N4 ? ? A DG 2  A DC 17  7_465 ? ? ? ? ? ? WATSON-CRICK ?     ? ? 
hydrog7  hydrog ? ? A DT 3  N3 ? ? ? 1_555 A DA 16 N1 ? ? A DT 3  A DA 16  7_465 ? ? ? ? ? ? WATSON-CRICK ?     ? ? 
hydrog8  hydrog ? ? A DT 3  O4 ? ? ? 1_555 A DA 16 N6 ? ? A DT 3  A DA 16  7_465 ? ? ? ? ? ? WATSON-CRICK ?     ? ? 
hydrog9  hydrog ? ? A DG 4  N1 ? ? ? 1_555 A DC 15 N3 ? ? A DG 4  A DC 15  7_465 ? ? ? ? ? ? WATSON-CRICK ?     ? ? 
hydrog10 hydrog ? ? A DG 4  N2 ? ? ? 1_555 A DC 15 O2 ? ? A DG 4  A DC 15  7_465 ? ? ? ? ? ? WATSON-CRICK ?     ? ? 
hydrog11 hydrog ? ? A DG 4  O6 ? ? ? 1_555 A DC 15 N4 ? ? A DG 4  A DC 15  7_465 ? ? ? ? ? ? WATSON-CRICK ?     ? ? 
hydrog12 hydrog ? ? A DG 5  N1 ? ? ? 1_555 A DC 14 N3 ? ? A DG 5  A DC 14  7_465 ? ? ? ? ? ? WATSON-CRICK ?     ? ? 
hydrog13 hydrog ? ? A DG 5  N2 ? ? ? 1_555 A DC 14 O2 ? ? A DG 5  A DC 14  7_465 ? ? ? ? ? ? WATSON-CRICK ?     ? ? 
hydrog14 hydrog ? ? A DG 5  O6 ? ? ? 1_555 A DC 14 N4 ? ? A DG 5  A DC 14  7_465 ? ? ? ? ? ? WATSON-CRICK ?     ? ? 
hydrog15 hydrog ? ? A DG 6  N2 ? ? ? 1_555 A DC 13 O2 ? ? A DG 6  A DC 13  7_465 ? ? ? ? ? ? 'DG-DC PAIR' ?     ? ? 
hydrog16 hydrog ? ? A DG 7  N1 ? ? ? 1_555 A DC 12 N3 ? ? A DG 7  A DC 12  7_465 ? ? ? ? ? ? WATSON-CRICK ?     ? ? 
hydrog17 hydrog ? ? A DG 7  N2 ? ? ? 1_555 A DC 12 O2 ? ? A DG 7  A DC 12  7_465 ? ? ? ? ? ? WATSON-CRICK ?     ? ? 
hydrog18 hydrog ? ? A DG 7  O6 ? ? ? 1_555 A DC 12 N4 ? ? A DG 7  A DC 12  7_465 ? ? ? ? ? ? WATSON-CRICK ?     ? ? 
hydrog19 hydrog ? ? A DC 8  N3 ? ? ? 1_555 A DG 11 N1 ? ? A DC 8  A DG 11  7_465 ? ? ? ? ? ? WATSON-CRICK ?     ? ? 
hydrog20 hydrog ? ? A DC 8  N4 ? ? ? 1_555 A DG 11 O6 ? ? A DC 8  A DG 11  7_465 ? ? ? ? ? ? WATSON-CRICK ?     ? ? 
hydrog21 hydrog ? ? A DC 8  O2 ? ? ? 1_555 A DG 11 N2 ? ? A DC 8  A DG 11  7_465 ? ? ? ? ? ? WATSON-CRICK ?     ? ? 
hydrog22 hydrog ? ? A DA 9  N1 ? ? ? 1_555 A DT 10 N3 ? ? A DA 9  A DT 10  7_465 ? ? ? ? ? ? WATSON-CRICK ?     ? ? 
hydrog23 hydrog ? ? A DA 9  N6 ? ? ? 1_555 A DT 10 O4 ? ? A DA 9  A DT 10  7_465 ? ? ? ? ? ? WATSON-CRICK ?     ? ? 
hydrog24 hydrog ? ? A DT 10 N3 ? ? ? 1_555 A DA 9  N1 ? ? A DT 10 A DA 9   7_465 ? ? ? ? ? ? WATSON-CRICK ?     ? ? 
hydrog25 hydrog ? ? A DT 10 O4 ? ? ? 1_555 A DA 9  N6 ? ? A DT 10 A DA 9   7_465 ? ? ? ? ? ? WATSON-CRICK ?     ? ? 
hydrog26 hydrog ? ? A DG 11 N1 ? ? ? 1_555 A DC 8  N3 ? ? A DG 11 A DC 8   7_465 ? ? ? ? ? ? WATSON-CRICK ?     ? ? 
hydrog27 hydrog ? ? A DG 11 N2 ? ? ? 1_555 A DC 8  O2 ? ? A DG 11 A DC 8   7_465 ? ? ? ? ? ? WATSON-CRICK ?     ? ? 
hydrog28 hydrog ? ? A DG 11 O6 ? ? ? 1_555 A DC 8  N4 ? ? A DG 11 A DC 8   7_465 ? ? ? ? ? ? WATSON-CRICK ?     ? ? 
hydrog29 hydrog ? ? A DC 12 N3 ? ? ? 1_555 A DG 7  N1 ? ? A DC 12 A DG 7   7_465 ? ? ? ? ? ? WATSON-CRICK ?     ? ? 
hydrog30 hydrog ? ? A DC 12 N4 ? ? ? 1_555 A DG 7  O6 ? ? A DC 12 A DG 7   7_465 ? ? ? ? ? ? WATSON-CRICK ?     ? ? 
hydrog31 hydrog ? ? A DC 12 O2 ? ? ? 1_555 A DG 7  N2 ? ? A DC 12 A DG 7   7_465 ? ? ? ? ? ? WATSON-CRICK ?     ? ? 
hydrog32 hydrog ? ? A DC 13 O2 ? ? ? 1_555 A DG 6  N2 ? ? A DC 13 A DG 6   7_465 ? ? ? ? ? ? 'DC-DG PAIR' ?     ? ? 
hydrog33 hydrog ? ? A DC 14 N3 ? ? ? 1_555 A DG 5  N1 ? ? A DC 14 A DG 5   7_465 ? ? ? ? ? ? WATSON-CRICK ?     ? ? 
hydrog34 hydrog ? ? A DC 14 N4 ? ? ? 1_555 A DG 5  O6 ? ? A DC 14 A DG 5   7_465 ? ? ? ? ? ? WATSON-CRICK ?     ? ? 
hydrog35 hydrog ? ? A DC 14 O2 ? ? ? 1_555 A DG 5  N2 ? ? A DC 14 A DG 5   7_465 ? ? ? ? ? ? WATSON-CRICK ?     ? ? 
hydrog36 hydrog ? ? A DC 15 N3 ? ? ? 1_555 A DG 4  N1 ? ? A DC 15 A DG 4   7_465 ? ? ? ? ? ? WATSON-CRICK ?     ? ? 
hydrog37 hydrog ? ? A DC 15 N4 ? ? ? 1_555 A DG 4  O6 ? ? A DC 15 A DG 4   7_465 ? ? ? ? ? ? WATSON-CRICK ?     ? ? 
hydrog38 hydrog ? ? A DC 15 O2 ? ? ? 1_555 A DG 4  N2 ? ? A DC 15 A DG 4   7_465 ? ? ? ? ? ? WATSON-CRICK ?     ? ? 
hydrog39 hydrog ? ? A DA 16 N1 ? ? ? 1_555 A DT 3  N3 ? ? A DA 16 A DT 3   7_465 ? ? ? ? ? ? WATSON-CRICK ?     ? ? 
hydrog40 hydrog ? ? A DA 16 N6 ? ? ? 1_555 A DT 3  O4 ? ? A DA 16 A DT 3   7_465 ? ? ? ? ? ? WATSON-CRICK ?     ? ? 
hydrog41 hydrog ? ? A DC 17 N3 ? ? ? 1_555 A DG 2  N1 ? ? A DC 17 A DG 2   7_465 ? ? ? ? ? ? WATSON-CRICK ?     ? ? 
hydrog42 hydrog ? ? A DC 17 N4 ? ? ? 1_555 A DG 2  O6 ? ? A DC 17 A DG 2   7_465 ? ? ? ? ? ? WATSON-CRICK ?     ? ? 
hydrog43 hydrog ? ? A DC 17 O2 ? ? ? 1_555 A DG 2  N2 ? ? A DC 17 A DG 2   7_465 ? ? ? ? ? ? WATSON-CRICK ?     ? ? 
hydrog44 hydrog ? ? A DC 18 N3 ? ? ? 1_555 A DG 1  N1 ? ? A DC 18 A DG 1   7_465 ? ? ? ? ? ? WATSON-CRICK ?     ? ? 
hydrog45 hydrog ? ? A DC 18 N4 ? ? ? 1_555 A DG 1  O6 ? ? A DC 18 A DG 1   7_465 ? ? ? ? ? ? WATSON-CRICK ?     ? ? 
hydrog46 hydrog ? ? A DC 18 O2 ? ? ? 1_555 A DG 1  N2 ? ? A DC 18 A DG 1   7_465 ? ? ? ? ? ? WATSON-CRICK ?     ? ? 
# 
loop_
_struct_conn_type.id 
_struct_conn_type.criteria 
_struct_conn_type.reference 
metalc ? ? 
hydrog ? ? 
# 
loop_
_pdbx_validate_rmsd_angle.id 
_pdbx_validate_rmsd_angle.PDB_model_num 
_pdbx_validate_rmsd_angle.auth_atom_id_1 
_pdbx_validate_rmsd_angle.auth_asym_id_1 
_pdbx_validate_rmsd_angle.auth_comp_id_1 
_pdbx_validate_rmsd_angle.auth_seq_id_1 
_pdbx_validate_rmsd_angle.PDB_ins_code_1 
_pdbx_validate_rmsd_angle.label_alt_id_1 
_pdbx_validate_rmsd_angle.auth_atom_id_2 
_pdbx_validate_rmsd_angle.auth_asym_id_2 
_pdbx_validate_rmsd_angle.auth_comp_id_2 
_pdbx_validate_rmsd_angle.auth_seq_id_2 
_pdbx_validate_rmsd_angle.PDB_ins_code_2 
_pdbx_validate_rmsd_angle.label_alt_id_2 
_pdbx_validate_rmsd_angle.auth_atom_id_3 
_pdbx_validate_rmsd_angle.auth_asym_id_3 
_pdbx_validate_rmsd_angle.auth_comp_id_3 
_pdbx_validate_rmsd_angle.auth_seq_id_3 
_pdbx_validate_rmsd_angle.PDB_ins_code_3 
_pdbx_validate_rmsd_angle.label_alt_id_3 
_pdbx_validate_rmsd_angle.angle_value 
_pdbx_validate_rmsd_angle.angle_target_value 
_pdbx_validate_rmsd_angle.angle_deviation 
_pdbx_validate_rmsd_angle.angle_standard_deviation 
_pdbx_validate_rmsd_angle.linker_flag 
1 1 "O4'" A DT 3  ? ? "C1'" A DT 3  ? ? N1  A DT 3  ? ? 111.44 108.30 3.14  0.30 N 
2 1 "O4'" A DG 4  ? ? "C1'" A DG 4  ? ? N9  A DG 4  ? ? 112.04 108.30 3.74  0.30 N 
3 1 "O5'" A DC 12 ? ? P     A DC 12 ? ? OP1 A DC 12 ? ? 99.16  105.70 -6.54 0.90 N 
4 1 "O4'" A DC 17 ? ? "C1'" A DC 17 ? ? N1  A DC 17 ? ? 110.43 108.30 2.13  0.30 N 
# 
loop_
_space_group_symop.id 
_space_group_symop.operation_xyz 
1 x,y,z               
2 -y+1/2,x+1/2,z+3/4  
3 y+1/2,-x+1/2,z+1/4  
4 x+1/2,-y+1/2,-z+1/4 
5 -x+1/2,y+1/2,-z+3/4 
6 -x,-y,z+1/2         
7 y,x,-z              
8 -y,-x,-z+1/2        
# 
_pdbx_entry_details.entry_id                 7Z7K 
_pdbx_entry_details.has_ligand_of_interest   N 
_pdbx_entry_details.compound_details         ? 
_pdbx_entry_details.source_details           ? 
_pdbx_entry_details.nonpolymer_details       ? 
_pdbx_entry_details.sequence_details         ? 
# 
loop_
_chem_comp_atom.comp_id 
_chem_comp_atom.atom_id 
_chem_comp_atom.type_symbol 
_chem_comp_atom.pdbx_aromatic_flag 
_chem_comp_atom.pdbx_stereo_config 
_chem_comp_atom.pdbx_ordinal 
DA OP3    O  N N 1   
DA P      P  N N 2   
DA OP1    O  N N 3   
DA OP2    O  N N 4   
DA "O5'"  O  N N 5   
DA "C5'"  C  N N 6   
DA "C4'"  C  N R 7   
DA "O4'"  O  N N 8   
DA "C3'"  C  N S 9   
DA "O3'"  O  N N 10  
DA "C2'"  C  N N 11  
DA "C1'"  C  N R 12  
DA N9     N  Y N 13  
DA C8     C  Y N 14  
DA N7     N  Y N 15  
DA C5     C  Y N 16  
DA C6     C  Y N 17  
DA N6     N  N N 18  
DA N1     N  Y N 19  
DA C2     C  Y N 20  
DA N3     N  Y N 21  
DA C4     C  Y N 22  
DA HOP3   H  N N 23  
DA HOP2   H  N N 24  
DA "H5'"  H  N N 25  
DA "H5''" H  N N 26  
DA "H4'"  H  N N 27  
DA "H3'"  H  N N 28  
DA "HO3'" H  N N 29  
DA "H2'"  H  N N 30  
DA "H2''" H  N N 31  
DA "H1'"  H  N N 32  
DA H8     H  N N 33  
DA H61    H  N N 34  
DA H62    H  N N 35  
DA H2     H  N N 36  
DC OP3    O  N N 37  
DC P      P  N N 38  
DC OP1    O  N N 39  
DC OP2    O  N N 40  
DC "O5'"  O  N N 41  
DC "C5'"  C  N N 42  
DC "C4'"  C  N R 43  
DC "O4'"  O  N N 44  
DC "C3'"  C  N S 45  
DC "O3'"  O  N N 46  
DC "C2'"  C  N N 47  
DC "C1'"  C  N R 48  
DC N1     N  N N 49  
DC C2     C  N N 50  
DC O2     O  N N 51  
DC N3     N  N N 52  
DC C4     C  N N 53  
DC N4     N  N N 54  
DC C5     C  N N 55  
DC C6     C  N N 56  
DC HOP3   H  N N 57  
DC HOP2   H  N N 58  
DC "H5'"  H  N N 59  
DC "H5''" H  N N 60  
DC "H4'"  H  N N 61  
DC "H3'"  H  N N 62  
DC "HO3'" H  N N 63  
DC "H2'"  H  N N 64  
DC "H2''" H  N N 65  
DC "H1'"  H  N N 66  
DC H41    H  N N 67  
DC H42    H  N N 68  
DC H5     H  N N 69  
DC H6     H  N N 70  
DG OP3    O  N N 71  
DG P      P  N N 72  
DG OP1    O  N N 73  
DG OP2    O  N N 74  
DG "O5'"  O  N N 75  
DG "C5'"  C  N N 76  
DG "C4'"  C  N R 77  
DG "O4'"  O  N N 78  
DG "C3'"  C  N S 79  
DG "O3'"  O  N N 80  
DG "C2'"  C  N N 81  
DG "C1'"  C  N R 82  
DG N9     N  Y N 83  
DG C8     C  Y N 84  
DG N7     N  Y N 85  
DG C5     C  Y N 86  
DG C6     C  N N 87  
DG O6     O  N N 88  
DG N1     N  N N 89  
DG C2     C  N N 90  
DG N2     N  N N 91  
DG N3     N  N N 92  
DG C4     C  Y N 93  
DG HOP3   H  N N 94  
DG HOP2   H  N N 95  
DG "H5'"  H  N N 96  
DG "H5''" H  N N 97  
DG "H4'"  H  N N 98  
DG "H3'"  H  N N 99  
DG "HO3'" H  N N 100 
DG "H2'"  H  N N 101 
DG "H2''" H  N N 102 
DG "H1'"  H  N N 103 
DG H8     H  N N 104 
DG H1     H  N N 105 
DG H21    H  N N 106 
DG H22    H  N N 107 
DT OP3    O  N N 108 
DT P      P  N N 109 
DT OP1    O  N N 110 
DT OP2    O  N N 111 
DT "O5'"  O  N N 112 
DT "C5'"  C  N N 113 
DT "C4'"  C  N R 114 
DT "O4'"  O  N N 115 
DT "C3'"  C  N S 116 
DT "O3'"  O  N N 117 
DT "C2'"  C  N N 118 
DT "C1'"  C  N R 119 
DT N1     N  N N 120 
DT C2     C  N N 121 
DT O2     O  N N 122 
DT N3     N  N N 123 
DT C4     C  N N 124 
DT O4     O  N N 125 
DT C5     C  N N 126 
DT C7     C  N N 127 
DT C6     C  N N 128 
DT HOP3   H  N N 129 
DT HOP2   H  N N 130 
DT "H5'"  H  N N 131 
DT "H5''" H  N N 132 
DT "H4'"  H  N N 133 
DT "H3'"  H  N N 134 
DT "HO3'" H  N N 135 
DT "H2'"  H  N N 136 
DT "H2''" H  N N 137 
DT "H1'"  H  N N 138 
DT H3     H  N N 139 
DT H71    H  N N 140 
DT H72    H  N N 141 
DT H73    H  N N 142 
DT H6     H  N N 143 
SR SR     SR N N 144 
# 
loop_
_chem_comp_bond.comp_id 
_chem_comp_bond.atom_id_1 
_chem_comp_bond.atom_id_2 
_chem_comp_bond.value_order 
_chem_comp_bond.pdbx_aromatic_flag 
_chem_comp_bond.pdbx_stereo_config 
_chem_comp_bond.pdbx_ordinal 
DA OP3   P      sing N N 1   
DA OP3   HOP3   sing N N 2   
DA P     OP1    doub N N 3   
DA P     OP2    sing N N 4   
DA P     "O5'"  sing N N 5   
DA OP2   HOP2   sing N N 6   
DA "O5'" "C5'"  sing N N 7   
DA "C5'" "C4'"  sing N N 8   
DA "C5'" "H5'"  sing N N 9   
DA "C5'" "H5''" sing N N 10  
DA "C4'" "O4'"  sing N N 11  
DA "C4'" "C3'"  sing N N 12  
DA "C4'" "H4'"  sing N N 13  
DA "O4'" "C1'"  sing N N 14  
DA "C3'" "O3'"  sing N N 15  
DA "C3'" "C2'"  sing N N 16  
DA "C3'" "H3'"  sing N N 17  
DA "O3'" "HO3'" sing N N 18  
DA "C2'" "C1'"  sing N N 19  
DA "C2'" "H2'"  sing N N 20  
DA "C2'" "H2''" sing N N 21  
DA "C1'" N9     sing N N 22  
DA "C1'" "H1'"  sing N N 23  
DA N9    C8     sing Y N 24  
DA N9    C4     sing Y N 25  
DA C8    N7     doub Y N 26  
DA C8    H8     sing N N 27  
DA N7    C5     sing Y N 28  
DA C5    C6     sing Y N 29  
DA C5    C4     doub Y N 30  
DA C6    N6     sing N N 31  
DA C6    N1     doub Y N 32  
DA N6    H61    sing N N 33  
DA N6    H62    sing N N 34  
DA N1    C2     sing Y N 35  
DA C2    N3     doub Y N 36  
DA C2    H2     sing N N 37  
DA N3    C4     sing Y N 38  
DC OP3   P      sing N N 39  
DC OP3   HOP3   sing N N 40  
DC P     OP1    doub N N 41  
DC P     OP2    sing N N 42  
DC P     "O5'"  sing N N 43  
DC OP2   HOP2   sing N N 44  
DC "O5'" "C5'"  sing N N 45  
DC "C5'" "C4'"  sing N N 46  
DC "C5'" "H5'"  sing N N 47  
DC "C5'" "H5''" sing N N 48  
DC "C4'" "O4'"  sing N N 49  
DC "C4'" "C3'"  sing N N 50  
DC "C4'" "H4'"  sing N N 51  
DC "O4'" "C1'"  sing N N 52  
DC "C3'" "O3'"  sing N N 53  
DC "C3'" "C2'"  sing N N 54  
DC "C3'" "H3'"  sing N N 55  
DC "O3'" "HO3'" sing N N 56  
DC "C2'" "C1'"  sing N N 57  
DC "C2'" "H2'"  sing N N 58  
DC "C2'" "H2''" sing N N 59  
DC "C1'" N1     sing N N 60  
DC "C1'" "H1'"  sing N N 61  
DC N1    C2     sing N N 62  
DC N1    C6     sing N N 63  
DC C2    O2     doub N N 64  
DC C2    N3     sing N N 65  
DC N3    C4     doub N N 66  
DC C4    N4     sing N N 67  
DC C4    C5     sing N N 68  
DC N4    H41    sing N N 69  
DC N4    H42    sing N N 70  
DC C5    C6     doub N N 71  
DC C5    H5     sing N N 72  
DC C6    H6     sing N N 73  
DG OP3   P      sing N N 74  
DG OP3   HOP3   sing N N 75  
DG P     OP1    doub N N 76  
DG P     OP2    sing N N 77  
DG P     "O5'"  sing N N 78  
DG OP2   HOP2   sing N N 79  
DG "O5'" "C5'"  sing N N 80  
DG "C5'" "C4'"  sing N N 81  
DG "C5'" "H5'"  sing N N 82  
DG "C5'" "H5''" sing N N 83  
DG "C4'" "O4'"  sing N N 84  
DG "C4'" "C3'"  sing N N 85  
DG "C4'" "H4'"  sing N N 86  
DG "O4'" "C1'"  sing N N 87  
DG "C3'" "O3'"  sing N N 88  
DG "C3'" "C2'"  sing N N 89  
DG "C3'" "H3'"  sing N N 90  
DG "O3'" "HO3'" sing N N 91  
DG "C2'" "C1'"  sing N N 92  
DG "C2'" "H2'"  sing N N 93  
DG "C2'" "H2''" sing N N 94  
DG "C1'" N9     sing N N 95  
DG "C1'" "H1'"  sing N N 96  
DG N9    C8     sing Y N 97  
DG N9    C4     sing Y N 98  
DG C8    N7     doub Y N 99  
DG C8    H8     sing N N 100 
DG N7    C5     sing Y N 101 
DG C5    C6     sing N N 102 
DG C5    C4     doub Y N 103 
DG C6    O6     doub N N 104 
DG C6    N1     sing N N 105 
DG N1    C2     sing N N 106 
DG N1    H1     sing N N 107 
DG C2    N2     sing N N 108 
DG C2    N3     doub N N 109 
DG N2    H21    sing N N 110 
DG N2    H22    sing N N 111 
DG N3    C4     sing N N 112 
DT OP3   P      sing N N 113 
DT OP3   HOP3   sing N N 114 
DT P     OP1    doub N N 115 
DT P     OP2    sing N N 116 
DT P     "O5'"  sing N N 117 
DT OP2   HOP2   sing N N 118 
DT "O5'" "C5'"  sing N N 119 
DT "C5'" "C4'"  sing N N 120 
DT "C5'" "H5'"  sing N N 121 
DT "C5'" "H5''" sing N N 122 
DT "C4'" "O4'"  sing N N 123 
DT "C4'" "C3'"  sing N N 124 
DT "C4'" "H4'"  sing N N 125 
DT "O4'" "C1'"  sing N N 126 
DT "C3'" "O3'"  sing N N 127 
DT "C3'" "C2'"  sing N N 128 
DT "C3'" "H3'"  sing N N 129 
DT "O3'" "HO3'" sing N N 130 
DT "C2'" "C1'"  sing N N 131 
DT "C2'" "H2'"  sing N N 132 
DT "C2'" "H2''" sing N N 133 
DT "C1'" N1     sing N N 134 
DT "C1'" "H1'"  sing N N 135 
DT N1    C2     sing N N 136 
DT N1    C6     sing N N 137 
DT C2    O2     doub N N 138 
DT C2    N3     sing N N 139 
DT N3    C4     sing N N 140 
DT N3    H3     sing N N 141 
DT C4    O4     doub N N 142 
DT C4    C5     sing N N 143 
DT C5    C7     sing N N 144 
DT C5    C6     doub N N 145 
DT C7    H71    sing N N 146 
DT C7    H72    sing N N 147 
DT C7    H73    sing N N 148 
DT C6    H6     sing N N 149 
# 
loop_
_ndb_struct_conf_na.entry_id 
_ndb_struct_conf_na.feature 
7Z7K 'double helix'        
7Z7K 'a-form double helix' 
# 
loop_
_ndb_struct_na_base_pair.model_number 
_ndb_struct_na_base_pair.i_label_asym_id 
_ndb_struct_na_base_pair.i_label_comp_id 
_ndb_struct_na_base_pair.i_label_seq_id 
_ndb_struct_na_base_pair.i_symmetry 
_ndb_struct_na_base_pair.j_label_asym_id 
_ndb_struct_na_base_pair.j_label_comp_id 
_ndb_struct_na_base_pair.j_label_seq_id 
_ndb_struct_na_base_pair.j_symmetry 
_ndb_struct_na_base_pair.shear 
_ndb_struct_na_base_pair.stretch 
_ndb_struct_na_base_pair.stagger 
_ndb_struct_na_base_pair.buckle 
_ndb_struct_na_base_pair.propeller 
_ndb_struct_na_base_pair.opening 
_ndb_struct_na_base_pair.pair_number 
_ndb_struct_na_base_pair.pair_name 
_ndb_struct_na_base_pair.i_auth_asym_id 
_ndb_struct_na_base_pair.i_auth_seq_id 
_ndb_struct_na_base_pair.i_PDB_ins_code 
_ndb_struct_na_base_pair.j_auth_asym_id 
_ndb_struct_na_base_pair.j_auth_seq_id 
_ndb_struct_na_base_pair.j_PDB_ins_code 
_ndb_struct_na_base_pair.hbond_type_28 
_ndb_struct_na_base_pair.hbond_type_12 
1 A DG 1  1_555 A DC 18 7_465 -1.672 -0.679 -0.411 -10.390 -9.771  -12.728 1  A_DG1:DC18_A A 1  ? A 18 ? 19 1 
1 A DG 2  1_555 A DC 17 7_465 -0.274 -0.151 0.148  1.490   -14.805 4.433   2  A_DG2:DC17_A A 2  ? A 17 ? 19 1 
1 A DT 3  1_555 A DA 16 7_465 -0.048 0.290  0.451  0.310   -21.040 6.365   3  A_DT3:DA16_A A 3  ? A 16 ? 20 1 
1 A DG 4  1_555 A DC 15 7_465 0.287  -0.181 0.797  14.402  -11.697 -0.663  4  A_DG4:DC15_A A 4  ? A 15 ? 19 1 
1 A DG 5  1_555 A DC 14 7_465 -0.132 -0.217 0.352  3.103   -6.452  3.502   5  A_DG5:DC14_A A 5  ? A 14 ? 19 1 
1 A DG 6  1_555 A DC 13 7_465 0.253  0.454  0.233  -4.231  -11.578 13.423  6  A_DG6:DC13_A A 6  ? A 13 ? ?  1 
1 A DG 7  1_555 A DC 12 7_465 -0.438 -0.251 0.056  -6.238  -13.113 -7.944  7  A_DG7:DC12_A A 7  ? A 12 ? 19 1 
1 A DC 8  1_555 A DG 11 7_465 -0.124 -0.048 0.339  -8.129  -6.277  -1.820  8  A_DC8:DG11_A A 8  ? A 11 ? 19 1 
1 A DA 9  1_555 A DT 10 7_465 0.619  -0.178 -0.572 -2.568  -22.236 7.999   9  A_DA9:DT10_A A 9  ? A 10 ? 20 1 
1 A DT 10 1_555 A DA 9  7_465 -0.619 -0.178 -0.572 2.568   -22.236 7.999   10 A_DT10:DA9_A A 10 ? A 9  ? 20 1 
1 A DG 11 1_555 A DC 8  7_465 0.124  -0.048 0.339  8.129   -6.277  -1.820  11 A_DG11:DC8_A A 11 ? A 8  ? 19 1 
1 A DC 12 1_555 A DG 7  7_465 0.438  -0.251 0.056  6.238   -13.113 -7.944  12 A_DC12:DG7_A A 12 ? A 7  ? 19 1 
1 A DC 13 1_555 A DG 6  7_465 -0.253 0.454  0.233  4.231   -11.578 13.423  13 A_DC13:DG6_A A 13 ? A 6  ? ?  1 
1 A DC 14 1_555 A DG 5  7_465 0.132  -0.217 0.352  -3.103  -6.452  3.502   14 A_DC14:DG5_A A 14 ? A 5  ? 19 1 
1 A DC 15 1_555 A DG 4  7_465 -0.287 -0.181 0.797  -14.402 -11.697 -0.663  15 A_DC15:DG4_A A 15 ? A 4  ? 19 1 
1 A DA 16 1_555 A DT 3  7_465 0.048  0.290  0.451  -0.310  -21.040 6.365   16 A_DA16:DT3_A A 16 ? A 3  ? 20 1 
1 A DC 17 1_555 A DG 2  7_465 0.274  -0.151 0.148  -1.490  -14.805 4.433   17 A_DC17:DG2_A A 17 ? A 2  ? 19 1 
1 A DC 18 1_555 A DG 1  7_465 1.672  -0.679 -0.411 10.390  -9.771  -12.728 18 A_DC18:DG1_A A 18 ? A 1  ? 19 1 
# 
loop_
_ndb_struct_na_base_pair_step.model_number 
_ndb_struct_na_base_pair_step.i_label_asym_id_1 
_ndb_struct_na_base_pair_step.i_label_comp_id_1 
_ndb_struct_na_base_pair_step.i_label_seq_id_1 
_ndb_struct_na_base_pair_step.i_symmetry_1 
_ndb_struct_na_base_pair_step.j_label_asym_id_1 
_ndb_struct_na_base_pair_step.j_label_comp_id_1 
_ndb_struct_na_base_pair_step.j_label_seq_id_1 
_ndb_struct_na_base_pair_step.j_symmetry_1 
_ndb_struct_na_base_pair_step.i_label_asym_id_2 
_ndb_struct_na_base_pair_step.i_label_comp_id_2 
_ndb_struct_na_base_pair_step.i_label_seq_id_2 
_ndb_struct_na_base_pair_step.i_symmetry_2 
_ndb_struct_na_base_pair_step.j_label_asym_id_2 
_ndb_struct_na_base_pair_step.j_label_comp_id_2 
_ndb_struct_na_base_pair_step.j_label_seq_id_2 
_ndb_struct_na_base_pair_step.j_symmetry_2 
_ndb_struct_na_base_pair_step.shift 
_ndb_struct_na_base_pair_step.slide 
_ndb_struct_na_base_pair_step.rise 
_ndb_struct_na_base_pair_step.tilt 
_ndb_struct_na_base_pair_step.roll 
_ndb_struct_na_base_pair_step.twist 
_ndb_struct_na_base_pair_step.x_displacement 
_ndb_struct_na_base_pair_step.y_displacement 
_ndb_struct_na_base_pair_step.helical_rise 
_ndb_struct_na_base_pair_step.inclination 
_ndb_struct_na_base_pair_step.tip 
_ndb_struct_na_base_pair_step.helical_twist 
_ndb_struct_na_base_pair_step.step_number 
_ndb_struct_na_base_pair_step.step_name 
_ndb_struct_na_base_pair_step.i_auth_asym_id_1 
_ndb_struct_na_base_pair_step.i_auth_seq_id_1 
_ndb_struct_na_base_pair_step.i_PDB_ins_code_1 
_ndb_struct_na_base_pair_step.j_auth_asym_id_1 
_ndb_struct_na_base_pair_step.j_auth_seq_id_1 
_ndb_struct_na_base_pair_step.j_PDB_ins_code_1 
_ndb_struct_na_base_pair_step.i_auth_asym_id_2 
_ndb_struct_na_base_pair_step.i_auth_seq_id_2 
_ndb_struct_na_base_pair_step.i_PDB_ins_code_2 
_ndb_struct_na_base_pair_step.j_auth_asym_id_2 
_ndb_struct_na_base_pair_step.j_auth_seq_id_2 
_ndb_struct_na_base_pair_step.j_PDB_ins_code_2 
1 A DG 1  1_555 A DC 18 7_465 A DG 2  1_555 A DC 17 7_465 1.272  -1.031 3.045 -2.921 6.278  39.414 -2.151 -2.159 2.758 9.223  
4.291   39.993 1  AA_DG1DG2:DC17DC18_AA A 1  ? A 18 ? A 2  ? A 17 ? 
1 A DG 2  1_555 A DC 17 7_465 A DT 3  1_555 A DA 16 7_465 0.506  -1.556 3.362 0.387  0.560  32.598 -2.871 -0.832 3.341 0.998  
-0.689  32.605 2  AA_DG2DT3:DA16DC17_AA A 2  ? A 17 ? A 3  ? A 16 ? 
1 A DT 3  1_555 A DA 16 7_465 A DG 4  1_555 A DC 15 7_465 -0.281 -1.338 2.703 -3.373 7.035  28.675 -3.769 -0.007 2.333 13.882 
6.656   29.696 3  AA_DT3DG4:DC15DA16_AA A 3  ? A 16 ? A 4  ? A 15 ? 
1 A DG 4  1_555 A DC 15 7_465 A DG 5  1_555 A DC 14 7_465 -0.492 -1.409 3.387 -1.820 7.463  33.035 -3.609 0.554  3.028 12.908 
3.148   33.892 4  AA_DG4DG5:DC14DC15_AA A 4  ? A 15 ? A 5  ? A 14 ? 
1 A DG 5  1_555 A DC 14 7_465 A DG 6  1_555 A DC 13 7_465 0.802  -1.593 3.344 3.354  2.203  34.953 -2.970 -0.817 3.301 3.653  
-5.561  35.176 5  AA_DG5DG6:DC13DC14_AA A 5  ? A 14 ? A 6  ? A 13 ? 
1 A DG 6  1_555 A DC 13 7_465 A DG 7  1_555 A DC 12 7_465 -1.056 -2.478 3.006 0.348  8.460  26.018 -6.926 2.302  2.097 18.187 
-0.748  27.339 6  AA_DG6DG7:DC12DC13_AA A 6  ? A 13 ? A 7  ? A 12 ? 
1 A DG 7  1_555 A DC 12 7_465 A DC 8  1_555 A DG 11 7_465 0.046  -1.326 3.295 0.507  7.541  34.187 -3.303 -0.003 2.945 12.637 
-0.850  34.989 7  AA_DG7DC8:DG11DC12_AA A 7  ? A 12 ? A 8  ? A 11 ? 
1 A DC 8  1_555 A DG 11 7_465 A DA 9  1_555 A DT 10 7_465 0.258  -1.208 3.246 6.744  12.010 32.431 -3.685 0.520  2.647 20.394 
-11.451 35.162 8  AA_DC8DA9:DT10DG11_AA A 8  ? A 11 ? A 9  ? A 10 ? 
1 A DA 9  1_555 A DT 10 7_465 A DT 10 1_555 A DA 9  7_465 0.000  -0.719 2.999 0.000  12.654 22.272 -4.727 0.000  2.266 29.860 
0.000   25.576 9  AA_DA9DT10:DA9DT10_AA A 9  ? A 10 ? A 10 ? A 9  ? 
1 A DT 10 1_555 A DA 9  7_465 A DG 11 1_555 A DC 8  7_465 -0.258 -1.208 3.246 -6.744 12.010 32.431 -3.685 -0.520 2.647 20.394 
11.451  35.162 10 AA_DT10DG11:DC8DA9_AA A 10 ? A 9  ? A 11 ? A 8  ? 
1 A DG 11 1_555 A DC 8  7_465 A DC 12 1_555 A DG 7  7_465 -0.046 -1.326 3.295 -0.507 7.541  34.187 -3.303 0.003  2.945 12.637 
0.850   34.989 11 AA_DG11DC12:DG7DC8_AA A 11 ? A 8  ? A 12 ? A 7  ? 
1 A DC 12 1_555 A DG 7  7_465 A DC 13 1_555 A DG 6  7_465 1.056  -2.478 3.006 -0.348 8.460  26.018 -6.926 -2.302 2.097 18.187 
0.748   27.339 12 AA_DC12DC13:DG6DG7_AA A 12 ? A 7  ? A 13 ? A 6  ? 
1 A DC 13 1_555 A DG 6  7_465 A DC 14 1_555 A DG 5  7_465 -0.802 -1.593 3.344 -3.354 2.203  34.953 -2.970 0.817  3.301 3.653  
5.561   35.176 13 AA_DC13DC14:DG5DG6_AA A 13 ? A 6  ? A 14 ? A 5  ? 
1 A DC 14 1_555 A DG 5  7_465 A DC 15 1_555 A DG 4  7_465 0.492  -1.409 3.387 1.820  7.463  33.035 -3.609 -0.554 3.028 12.908 
-3.148  33.892 14 AA_DC14DC15:DG4DG5_AA A 14 ? A 5  ? A 15 ? A 4  ? 
1 A DC 15 1_555 A DG 4  7_465 A DA 16 1_555 A DT 3  7_465 0.281  -1.338 2.703 3.373  7.035  28.675 -3.769 0.007  2.333 13.882 
-6.656  29.696 15 AA_DC15DA16:DT3DG4_AA A 15 ? A 4  ? A 16 ? A 3  ? 
1 A DA 16 1_555 A DT 3  7_465 A DC 17 1_555 A DG 2  7_465 -0.506 -1.556 3.362 -0.387 0.560  32.598 -2.871 0.832  3.341 0.998  
0.689   32.605 16 AA_DA16DC17:DG2DT3_AA A 16 ? A 3  ? A 17 ? A 2  ? 
1 A DC 17 1_555 A DG 2  7_465 A DC 18 1_555 A DG 1  7_465 -1.272 -1.031 3.045 2.921  6.278  39.414 -2.151 2.159  2.758 9.223  
-4.291  39.993 17 AA_DC17DC18:DG1DG2_AA A 17 ? A 2  ? A 18 ? A 1  ? 
# 
loop_
_pdbx_audit_support.funding_organization 
_pdbx_audit_support.country 
_pdbx_audit_support.grant_number 
_pdbx_audit_support.ordinal 
'Ministry of Education, Youth and Sports of the Czech Republic' 'Czech Republic' LTAUSA18197    1 
'Czech Academy of Sciences'                                     'Czech Republic' 'RVO 86652036' 2 
# 
_pdbx_initial_refinement_model.id               1 
_pdbx_initial_refinement_model.entity_id_list   ? 
_pdbx_initial_refinement_model.type             'experimental model' 
_pdbx_initial_refinement_model.source_name      PDB 
_pdbx_initial_refinement_model.accession_code   6ROS 
_pdbx_initial_refinement_model.details          ? 
# 
_pdbx_related_exp_data_set.ordinal              1 
_pdbx_related_exp_data_set.data_reference       10.5281/zenodo.6333817 
_pdbx_related_exp_data_set.metadata_reference   ? 
_pdbx_related_exp_data_set.data_set_type        'diffraction image data' 
_pdbx_related_exp_data_set.details              ? 
# 
_space_group.name_H-M_alt     'P 43 21 2' 
_space_group.name_Hall        'P 4nw 2abw' 
_space_group.IT_number        96 
_space_group.crystal_system   tetragonal 
_space_group.id               1 
# 
_atom_sites.entry_id                    7Z7K 
_atom_sites.Cartn_transf_matrix[1][1]   ? 
_atom_sites.Cartn_transf_matrix[1][2]   ? 
_atom_sites.Cartn_transf_matrix[1][3]   ? 
_atom_sites.Cartn_transf_matrix[2][1]   ? 
_atom_sites.Cartn_transf_matrix[2][2]   ? 
_atom_sites.Cartn_transf_matrix[2][3]   ? 
_atom_sites.Cartn_transf_matrix[3][1]   ? 
_atom_sites.Cartn_transf_matrix[3][2]   ? 
_atom_sites.Cartn_transf_matrix[3][3]   ? 
_atom_sites.Cartn_transf_vector[1]      ? 
_atom_sites.Cartn_transf_vector[2]      ? 
_atom_sites.Cartn_transf_vector[3]      ? 
_atom_sites.fract_transf_matrix[1][1]   0.00463597 
_atom_sites.fract_transf_matrix[1][2]   0.00477941 
_atom_sites.fract_transf_matrix[1][3]   -0.02532738 
_atom_sites.fract_transf_matrix[2][1]   0.00465320 
_atom_sites.fract_transf_matrix[2][2]   -0.02546617 
_atom_sites.fract_transf_matrix[2][3]   -0.00395387 
_atom_sites.fract_transf_matrix[3][1]   -0.01102300 
_atom_sites.fract_transf_matrix[3][2]   -0.00165245 
_atom_sites.fract_transf_matrix[3][3]   -0.00232950 
_atom_sites.fract_transf_vector[1]      -0.555284 
_atom_sites.fract_transf_vector[2]      0.451352 
_atom_sites.fract_transf_vector[3]      0.018051 
_atom_sites.solution_primary            ? 
_atom_sites.solution_secondary          ? 
_atom_sites.solution_hydrogens          ? 
_atom_sites.special_details             ? 
# 
loop_
_atom_type.symbol 
_atom_type.scat_dispersion_real 
_atom_type.scat_dispersion_imag 
_atom_type.scat_Cromer_Mann_a1 
_atom_type.scat_Cromer_Mann_a2 
_atom_type.scat_Cromer_Mann_a3 
_atom_type.scat_Cromer_Mann_a4 
_atom_type.scat_Cromer_Mann_b1 
_atom_type.scat_Cromer_Mann_b2 
_atom_type.scat_Cromer_Mann_b3 
_atom_type.scat_Cromer_Mann_b4 
_atom_type.scat_Cromer_Mann_c 
_atom_type.scat_source 
_atom_type.scat_dispersion_source 
C  ? ? 3.54356  2.42580 ? ? 25.62398 1.50364  ? ? 0.0 
;2-Gaussian fit: Grosse-Kunstleve RW, Sauter NK, Adams PD: Newsletter of the IUCr Commission on Crystallographic Computing 2004, 3, 22-31.
;
? 
N  ? ? 4.01032  2.96436 ? ? 19.97189 1.75589  ? ? 0.0 
;2-Gaussian fit: Grosse-Kunstleve RW, Sauter NK, Adams PD: Newsletter of the IUCr Commission on Crystallographic Computing 2004, 3, 22-31.
;
? 
O  ? ? 7.96527  ?       ? ? 9.05267  ?        ? ? 0.0 
;1-Gaussian fit: Grosse-Kunstleve RW, Sauter NK, Adams PD: Newsletter of the IUCr Commission on Crystallographic Computing 2004, 3, 22-31.
;
? 
P  ? ? 9.51135  5.44231 ? ? 1.42069  35.72801 ? ? 0.0 
;2-Gaussian fit: Grosse-Kunstleve RW, Sauter NK, Adams PD: Newsletter of the IUCr Commission on Crystallographic Computing 2004, 3, 22-31.
;
? 
SR ? ? 32.18652 5.63919 ? ? 2.35430  57.90393 ? ? 0.0 
;2-Gaussian fit: Grosse-Kunstleve RW, Sauter NK, Adams PD: Newsletter of the IUCr Commission on Crystallographic Computing 2004, 3, 22-31.
;
? 
# 
loop_
_atom_site.group_PDB 
_atom_site.id 
_atom_site.type_symbol 
_atom_site.label_atom_id 
_atom_site.label_alt_id 
_atom_site.label_comp_id 
_atom_site.label_asym_id 
_atom_site.label_entity_id 
_atom_site.label_seq_id 
_atom_site.pdbx_PDB_ins_code 
_atom_site.Cartn_x 
_atom_site.Cartn_y 
_atom_site.Cartn_z 
_atom_site.occupancy 
_atom_site.B_iso_or_equiv 
_atom_site.pdbx_formal_charge 
_atom_site.auth_seq_id 
_atom_site.auth_comp_id 
_atom_site.auth_asym_id 
_atom_site.auth_atom_id 
_atom_site.pdbx_PDB_model_num 
ATOM   1   O  "O5'" . DG A 1 1  ? 10.68425  20.97187  -1.79497  1.000 81.34065  ? 1   DG A "O5'" 1 
ATOM   2   C  "C5'" . DG A 1 1  ? 11.36980  21.81547  -2.62424  1.000 78.20471  ? 1   DG A "C5'" 1 
ATOM   3   C  "C4'" . DG A 1 1  ? 10.46276  22.38458  -3.67927  1.000 75.63814  ? 1   DG A "C4'" 1 
ATOM   4   O  "O4'" . DG A 1 1  ? 11.30432  22.94157  -4.70587  1.000 82.73025  ? 1   DG A "O4'" 1 
ATOM   5   C  "C3'" . DG A 1 1  ? 9.61061   21.32891  -4.35650  1.000 79.01093  ? 1   DG A "C3'" 1 
ATOM   6   O  "O3'" . DG A 1 1  ? 8.31442   21.28435  -3.75678  1.000 82.27627  ? 1   DG A "O3'" 1 
ATOM   7   C  "C2'" . DG A 1 1  ? 9.51699   21.87712  -5.77528  1.000 80.87230  ? 1   DG A "C2'" 1 
ATOM   8   C  "C1'" . DG A 1 1  ? 10.92643  22.41568  -5.95073  1.000 83.12241  ? 1   DG A "C1'" 1 
ATOM   9   N  N9    . DG A 1 1  ? 11.88033  21.39260  -6.35347  1.000 77.72939  ? 1   DG A N9    1 
ATOM   10  C  C8    . DG A 1 1  ? 12.82413  20.76231  -5.57886  1.000 73.08422  ? 1   DG A C8    1 
ATOM   11  N  N7    . DG A 1 1  ? 13.50855  19.86861  -6.23351  1.000 70.42661  ? 1   DG A N7    1 
ATOM   12  C  C5    . DG A 1 1  ? 12.96903  19.90578  -7.51202  1.000 76.05368  ? 1   DG A C5    1 
ATOM   13  C  C6    . DG A 1 1  ? 13.30416  19.16167  -8.65151  1.000 78.73025  ? 1   DG A C6    1 
ATOM   14  O  O6    . DG A 1 1  ? 14.17056  18.30043  -8.74220  1.000 79.77382  ? 1   DG A O6    1 
ATOM   15  N  N1    . DG A 1 1  ? 12.51472  19.49960  -9.76248  1.000 80.71675  ? 1   DG A N1    1 
ATOM   16  C  C2    . DG A 1 1  ? 11.51548  20.45234  -9.75046  1.000 87.40105  ? 1   DG A C2    1 
ATOM   17  N  N2    . DG A 1 1  ? 10.84092  20.65422  -10.91080 1.000 89.43270  ? 1   DG A N2    1 
ATOM   18  N  N3    . DG A 1 1  ? 11.19766  21.15912  -8.67045  1.000 88.43092  ? 1   DG A N3    1 
ATOM   19  C  C4    . DG A 1 1  ? 11.96584  20.82917  -7.59534  1.000 79.28280  ? 1   DG A C4    1 
ATOM   20  P  P     . DG A 1 2  ? 7.48938   19.91155  -3.71801  1.000 76.89094  ? 2   DG A P     1 
ATOM   21  O  OP1   . DG A 1 2  ? 6.08190   20.24207  -3.36758  1.000 82.50453  ? 2   DG A OP1   1 
ATOM   22  O  OP2   . DG A 1 2  ? 8.27200   19.05581  -2.80072  1.000 81.28767  ? 2   DG A OP2   1 
ATOM   23  O  "O5'" . DG A 1 2  ? 7.35100   19.42294  -5.22487  1.000 70.60488  ? 2   DG A "O5'" 1 
ATOM   24  C  "C5'" . DG A 1 2  ? 6.25374   19.77904  -5.99300  1.000 77.45356  ? 2   DG A "C5'" 1 
ATOM   25  C  "C4'" . DG A 1 2  ? 6.50364   19.37146  -7.42142  1.000 80.96558  ? 2   DG A "C4'" 1 
ATOM   26  O  "O4'" . DG A 1 2  ? 7.87969   19.64749  -7.76938  1.000 81.47009  ? 2   DG A "O4'" 1 
ATOM   27  C  "C3'" . DG A 1 2  ? 6.33039   17.89427  -7.69951  1.000 83.13426  ? 2   DG A "C3'" 1 
ATOM   28  O  "O3'" . DG A 1 2  ? 4.98624   17.60300  -7.99570  1.000 83.88585  ? 2   DG A "O3'" 1 
ATOM   29  C  "C2'" . DG A 1 2  ? 7.20908   17.71518  -8.93635  1.000 82.40335  ? 2   DG A "C2'" 1 
ATOM   30  C  "C1'" . DG A 1 2  ? 8.38434   18.60668  -8.59542  1.000 78.65125  ? 2   DG A "C1'" 1 
ATOM   31  N  N9    . DG A 1 2  ? 9.47638   17.92036  -7.90445  1.000 80.08643  ? 2   DG A N9    1 
ATOM   32  C  C8    . DG A 1 2  ? 9.81655   18.02785  -6.57659  1.000 79.75531  ? 2   DG A C8    1 
ATOM   33  N  N7    . DG A 1 2  ? 10.86458  17.31694  -6.24879  1.000 82.74295  ? 2   DG A N7    1 
ATOM   34  C  C5    . DG A 1 2  ? 11.25413  16.70751  -7.43748  1.000 81.97448  ? 2   DG A C5    1 
ATOM   35  C  C6    . DG A 1 2  ? 12.33099  15.81960  -7.70033  1.000 79.86687  ? 2   DG A C6    1 
ATOM   36  O  O6    . DG A 1 2  ? 13.17842  15.38257  -6.90667  1.000 81.19954  ? 2   DG A O6    1 
ATOM   37  N  N1    . DG A 1 2  ? 12.37227  15.44322  -9.03866  1.000 77.60895  ? 2   DG A N1    1 
ATOM   38  C  C2    . DG A 1 2  ? 11.48183  15.86558  -10.00084 1.000 82.95752  ? 2   DG A C2    1 
ATOM   39  N  N2    . DG A 1 2  ? 11.67424  15.39200  -11.24025 1.000 85.97657  ? 2   DG A N2    1 
ATOM   40  N  N3    . DG A 1 2  ? 10.46495  16.69003  -9.76686  1.000 85.18010  ? 2   DG A N3    1 
ATOM   41  C  C4    . DG A 1 2  ? 10.41375  17.07215  -8.46775  1.000 82.28191  ? 2   DG A C4    1 
ATOM   42  P  P     . DT A 1 3  ? 4.34516   16.19714  -7.55984  1.000 85.32894  ? 3   DT A P     1 
ATOM   43  O  OP1   . DT A 1 3  ? 2.92072   16.28545  -7.97511  1.000 82.27275  ? 3   DT A OP1   1 
ATOM   44  O  OP2   . DT A 1 3  ? 4.75093   15.90031  -6.16094  1.000 79.03880  ? 3   DT A OP2   1 
ATOM   45  O  "O5'" . DT A 1 3  ? 5.05741   15.16377  -8.54086  1.000 81.05598  ? 3   DT A "O5'" 1 
ATOM   46  C  "C5'" . DT A 1 3  ? 4.88647   15.32678  -9.91643  1.000 80.25828  ? 3   DT A "C5'" 1 
ATOM   47  C  "C4'" . DT A 1 3  ? 5.86737   14.47613  -10.67935 1.000 80.41853  ? 3   DT A "C4'" 1 
ATOM   48  O  "O4'" . DT A 1 3  ? 7.20708   14.87997  -10.32662 1.000 80.47864  ? 3   DT A "O4'" 1 
ATOM   49  C  "C3'" . DT A 1 3  ? 5.83114   13.01209  -10.34219 1.000 84.16195  ? 3   DT A "C3'" 1 
ATOM   50  O  "O3'" . DT A 1 3  ? 4.81138   12.40680  -11.11080 1.000 87.87545  ? 3   DT A "O3'" 1 
ATOM   51  C  "C2'" . DT A 1 3  ? 7.21919   12.56960  -10.79312 1.000 84.38589  ? 3   DT A "C2'" 1 
ATOM   52  C  "C1'" . DT A 1 3  ? 8.07178   13.76553  -10.36467 1.000 78.38999  ? 3   DT A "C1'" 1 
ATOM   53  N  N1    . DT A 1 3  ? 8.77898   13.58335  -9.07268  1.000 75.78120  ? 3   DT A N1    1 
ATOM   54  C  C2    . DT A 1 3  ? 9.90656   12.80927  -9.07062  1.000 78.36359  ? 3   DT A C2    1 
ATOM   55  O  O2    . DT A 1 3  ? 10.37927  12.34298  -10.08681 1.000 79.50037  ? 3   DT A O2    1 
ATOM   56  N  N3    . DT A 1 3  ? 10.51962  12.67082  -7.85499  1.000 78.88807  ? 3   DT A N3    1 
ATOM   57  C  C4    . DT A 1 3  ? 10.08497  13.16569  -6.64826  1.000 77.31174  ? 3   DT A C4    1 
ATOM   58  O  O4    . DT A 1 3  ? 10.69743  12.96825  -5.59763  1.000 76.50793  ? 3   DT A O4    1 
ATOM   59  C  C5    . DT A 1 3  ? 8.85785   13.93326  -6.70835  1.000 77.21932  ? 3   DT A C5    1 
ATOM   60  C  C7    . DT A 1 3  ? 8.28389   14.52253  -5.46043  1.000 80.92331  ? 3   DT A C7    1 
ATOM   61  C  C6    . DT A 1 3  ? 8.26041   14.09389  -7.90682  1.000 77.19152  ? 3   DT A C6    1 
ATOM   62  P  P     . DG A 1 4  ? 3.93220   11.20352  -10.51821 1.000 94.48366  ? 4   DG A P     1 
ATOM   63  O  OP1   . DG A 1 4  ? 2.82185   11.02068  -11.48771 1.000 83.24953  ? 4   DG A OP1   1 
ATOM   64  O  OP2   . DG A 1 4  ? 3.69410   11.44695  -9.07145  1.000 91.90923  ? 4   DG A OP2   1 
ATOM   65  O  "O5'" . DG A 1 4  ? 4.93072   9.97605   -10.59016 1.000 90.72330  ? 4   DG A "O5'" 1 
ATOM   66  C  "C5'" . DG A 1 4  ? 5.32121   9.49571   -11.82747 1.000 87.99580  ? 4   DG A "C5'" 1 
ATOM   67  C  "C4'" . DG A 1 4  ? 6.54589   8.64907   -11.66194 1.000 84.23768  ? 4   DG A "C4'" 1 
ATOM   68  O  "O4'" . DG A 1 4  ? 7.51645   9.42053   -10.94055 1.000 84.24784  ? 4   DG A "O4'" 1 
ATOM   69  C  "C3'" . DG A 1 4  ? 6.38904   7.39305   -10.81755 1.000 84.13995  ? 4   DG A "C3'" 1 
ATOM   70  O  "O3'" . DG A 1 4  ? 5.88358   6.32966   -11.62443 1.000 85.93075  ? 4   DG A "O3'" 1 
ATOM   71  C  "C2'" . DG A 1 4  ? 7.80686   7.12270   -10.38183 1.000 87.10409  ? 4   DG A "C2'" 1 
ATOM   72  C  "C1'" . DG A 1 4  ? 8.38517   8.53350   -10.27926 1.000 87.09000  ? 4   DG A "C1'" 1 
ATOM   73  N  N9    . DG A 1 4  ? 8.71975   8.99358   -8.93960  1.000 83.62450  ? 4   DG A N9    1 
ATOM   74  C  C8    . DG A 1 4  ? 8.00566   9.81888   -8.10604  1.000 82.29520  ? 4   DG A C8    1 
ATOM   75  N  N7    . DG A 1 4  ? 8.62041   10.04824  -6.96990  1.000 80.18087  ? 4   DG A N7    1 
ATOM   76  C  C5    . DG A 1 4  ? 9.80207   9.32633   -7.07430  1.000 77.20234  ? 4   DG A C5    1 
ATOM   77  C  C6    . DG A 1 4  ? 10.86927  9.18204   -6.16579  1.000 80.57081  ? 4   DG A C6    1 
ATOM   78  O  O6    . DG A 1 4  ? 10.99417  9.68024   -5.04038  1.000 82.16131  ? 4   DG A O6    1 
ATOM   79  N  N1    . DG A 1 4  ? 11.86874  8.35947   -6.67988  1.000 83.79640  ? 4   DG A N1    1 
ATOM   80  C  C2    . DG A 1 4  ? 11.83047  7.75235   -7.91488  1.000 81.24453  ? 4   DG A C2    1 
ATOM   81  N  N2    . DG A 1 4  ? 12.88566  7.00030   -8.24441  1.000 81.38930  ? 4   DG A N2    1 
ATOM   82  N  N3    . DG A 1 4  ? 10.84379  7.88802   -8.76874  1.000 75.69982  ? 4   DG A N3    1 
ATOM   83  C  C4    . DG A 1 4  ? 9.87058   8.68417   -8.28253  1.000 78.96604  ? 4   DG A C4    1 
ATOM   84  P  P     . DG A 1 5  ? 5.18712   5.06346   -10.92690 1.000 92.98863  ? 5   DG A P     1 
ATOM   85  O  OP1   . DG A 1 5  ? 4.80049   4.34082   -12.15752 1.000 90.40649  ? 5   DG A OP1   1 
ATOM   86  O  OP2   . DG A 1 5  ? 4.21002   5.37880   -9.86669  1.000 93.95434  ? 5   DG A OP2   1 
ATOM   87  O  "O5'" . DG A 1 5  ? 6.35271   4.18206   -10.28643 1.000 80.64341  ? 5   DG A "O5'" 1 
ATOM   88  C  "C5'" . DG A 1 5  ? 7.06572   3.29445   -11.10382 1.000 76.68674  ? 5   DG A "C5'" 1 
ATOM   89  C  "C4'" . DG A 1 5  ? 8.27446   2.73540   -10.39636 1.000 79.59218  ? 5   DG A "C4'" 1 
ATOM   90  O  "O4'" . DG A 1 5  ? 9.18724   3.80150   -10.06811 1.000 84.82880  ? 5   DG A "O4'" 1 
ATOM   91  C  "C3'" . DG A 1 5  ? 8.02904   2.02166   -9.06998  1.000 78.03798  ? 5   DG A "C3'" 1 
ATOM   92  O  "O3'" . DG A 1 5  ? 7.52596   0.68935   -9.24332  1.000 75.18569  ? 5   DG A "O3'" 1 
ATOM   93  C  "C2'" . DG A 1 5  ? 9.44632   2.03212   -8.50425  1.000 82.88771  ? 5   DG A "C2'" 1 
ATOM   94  C  "C1'" . DG A 1 5  ? 9.95713   3.41768   -8.94245  1.000 82.94138  ? 5   DG A "C1'" 1 
ATOM   95  N  N9    . DG A 1 5  ? 9.76734   4.42436   -7.91462  1.000 80.96404  ? 5   DG A N9    1 
ATOM   96  C  C8    . DG A 1 5  ? 8.77360   5.36198   -7.86352  1.000 82.56209  ? 5   DG A C8    1 
ATOM   97  N  N7    . DG A 1 5  ? 8.82449   6.11415   -6.80796  1.000 81.71213  ? 5   DG A N7    1 
ATOM   98  C  C5    . DG A 1 5  ? 9.89906   5.61964   -6.09469  1.000 79.81086  ? 5   DG A C5    1 
ATOM   99  C  C6    . DG A 1 5  ? 10.42647  6.03160   -4.85613  1.000 84.59255  ? 5   DG A C6    1 
ATOM   100 O  O6    . DG A 1 5  ? 10.03302  6.94757   -4.11926  1.000 86.97316  ? 5   DG A O6    1 
ATOM   101 N  N1    . DG A 1 5  ? 11.52316  5.26734   -4.49009  1.000 84.49021  ? 5   DG A N1    1 
ATOM   102 C  C2    . DG A 1 5  ? 12.03635  4.23491   -5.22686  1.000 80.38191  ? 5   DG A C2    1 
ATOM   103 N  N2    . DG A 1 5  ? 13.09471  3.61898   -4.70763  1.000 81.90306  ? 5   DG A N2    1 
ATOM   104 N  N3    . DG A 1 5  ? 11.54870  3.83364   -6.38758  1.000 77.66998  ? 5   DG A N3    1 
ATOM   105 C  C4    . DG A 1 5  ? 10.48491  4.57132   -6.75830  1.000 78.37670  ? 5   DG A C4    1 
ATOM   106 P  P     . DG A 1 6  ? 6.73401   -0.04485  -8.04196  1.000 77.93211  ? 6   DG A P     1 
ATOM   107 O  OP1   . DG A 1 6  ? 6.23060   -1.34453  -8.53527  1.000 81.02735  ? 6   DG A OP1   1 
ATOM   108 O  OP2   . DG A 1 6  ? 5.77577   0.91762   -7.44393  1.000 82.39084  ? 6   DG A OP2   1 
ATOM   109 O  "O5'" . DG A 1 6  ? 7.86317   -0.25400  -6.93561  1.000 68.94096  ? 6   DG A "O5'" 1 
ATOM   110 C  "C5'" . DG A 1 6  ? 8.92615   -1.15076  -7.17233  1.000 75.88926  ? 6   DG A "C5'" 1 
ATOM   111 C  "C4'" . DG A 1 6  ? 9.96485   -1.05675  -6.07147  1.000 77.47704  ? 6   DG A "C4'" 1 
ATOM   112 O  "O4'" . DG A 1 6  ? 10.45958  0.30327   -6.00549  1.000 77.91133  ? 6   DG A "O4'" 1 
ATOM   113 C  "C3'" . DG A 1 6  ? 9.42974   -1.29170  -4.69885  1.000 78.82979  ? 6   DG A "C3'" 1 
ATOM   114 O  "O3'" . DG A 1 6  ? 9.31679   -2.67097  -4.47548  1.000 80.00782  ? 6   DG A "O3'" 1 
ATOM   115 C  "C2'" . DG A 1 6  ? 10.49729  -0.60962  -3.82965  1.000 75.86462  ? 6   DG A "C2'" 1 
ATOM   116 C  "C1'" . DG A 1 6  ? 10.79336  0.64405   -4.66111  1.000 76.23838  ? 6   DG A "C1'" 1 
ATOM   117 N  N9    . DG A 1 6  ? 9.90679   1.75136   -4.29562  1.000 79.27988  ? 6   DG A N9    1 
ATOM   118 C  C8    . DG A 1 6  ? 8.82558   2.19321   -5.01691  1.000 87.64912  ? 6   DG A C8    1 
ATOM   119 N  N7    . DG A 1 6  ? 8.20012   3.19396   -4.46433  1.000 92.14990  ? 6   DG A N7    1 
ATOM   120 C  C5    . DG A 1 6  ? 8.92762   3.45555   -3.31701  1.000 83.43269  ? 6   DG A C5    1 
ATOM   121 C  C6    . DG A 1 6  ? 8.73080   4.44277   -2.32221  1.000 86.73178  ? 6   DG A C6    1 
ATOM   122 O  O6    . DG A 1 6  ? 7.84958   5.30945   -2.25415  1.000 97.57171  ? 6   DG A O6    1 
ATOM   123 N  N1    . DG A 1 6  ? 9.68133   4.35924   -1.33467  1.000 82.31351  ? 6   DG A N1    1 
ATOM   124 C  C2    . DG A 1 6  ? 10.69597  3.44588   -1.31084  1.000 85.08991  ? 6   DG A C2    1 
ATOM   125 N  N2    . DG A 1 6  ? 11.52615  3.52522   -0.27452  1.000 89.78391  ? 6   DG A N2    1 
ATOM   126 N  N3    . DG A 1 6  ? 10.89250  2.51522   -2.23046  1.000 80.32457  ? 6   DG A N3    1 
ATOM   127 C  C4    . DG A 1 6  ? 9.97984   2.57757   -3.19863  1.000 76.23554  ? 6   DG A C4    1 
ATOM   128 P  P     . DG A 1 7  ? 8.45944   -3.19044  -3.22662  1.000 85.49288  ? 7   DG A P     1 
ATOM   129 O  OP1   . DG A 1 7  ? 8.19022   -4.63481  -3.44097  1.000 81.41556  ? 7   DG A OP1   1 
ATOM   130 O  OP2   . DG A 1 7  ? 7.29673   -2.29336  -3.06331  1.000 85.81196  ? 7   DG A OP2   1 
ATOM   131 O  "O5'" . DG A 1 7  ? 9.44655   -2.97830  -1.99172  1.000 78.41963  ? 7   DG A "O5'" 1 
ATOM   132 C  "C5'" . DG A 1 7  ? 8.95835   -2.94924  -0.69787  1.000 79.58715  ? 7   DG A "C5'" 1 
ATOM   133 C  "C4'" . DG A 1 7  ? 9.95376   -2.32462  0.25379   1.000 82.24039  ? 7   DG A "C4'" 1 
ATOM   134 O  "O4'" . DG A 1 7  ? 10.36099  -1.01383  -0.20295  1.000 83.79692  ? 7   DG A "O4'" 1 
ATOM   135 C  "C3'" . DG A 1 7  ? 9.38658   -2.07573  1.61772   1.000 86.11875  ? 7   DG A "C3'" 1 
ATOM   136 O  "O3'" . DG A 1 7  ? 9.48084   -3.25541  2.36029   1.000 86.50671  ? 7   DG A "O3'" 1 
ATOM   137 C  "C2'" . DG A 1 7  ? 10.32353  -1.00986  2.16385   1.000 84.52759  ? 7   DG A "C2'" 1 
ATOM   138 C  "C1'" . DG A 1 7  ? 10.55592  -0.16154  0.92414   1.000 87.71349  ? 7   DG A "C1'" 1 
ATOM   139 N  N9    . DG A 1 7  ? 9.60891   0.93515   0.82983   1.000 87.84980  ? 7   DG A N9    1 
ATOM   140 C  C8    . DG A 1 7  ? 8.69378   1.14923   -0.16419  1.000 84.54808  ? 7   DG A C8    1 
ATOM   141 N  N7    . DG A 1 7  ? 7.96447   2.20884   0.02327   1.000 86.04276  ? 7   DG A N7    1 
ATOM   142 C  C5    . DG A 1 7  ? 8.41622   2.72154   1.22244   1.000 89.50808  ? 7   DG A C5    1 
ATOM   143 C  C6    . DG A 1 7  ? 7.99695   3.86078   1.92743   1.000 95.45560  ? 7   DG A C6    1 
ATOM   144 O  O6    . DG A 1 7  ? 7.11371   4.66338   1.61745   1.000 98.64773  ? 7   DG A O6    1 
ATOM   145 N  N1    . DG A 1 7  ? 8.71438   4.03195   3.10650   1.000 101.24828 ? 7   DG A N1    1 
ATOM   146 C  C2    . DG A 1 7  ? 9.71871   3.19883   3.54412   1.000 103.15446 ? 7   DG A C2    1 
ATOM   147 N  N2    . DG A 1 7  ? 10.30507  3.53006   4.70871   1.000 107.10159 ? 7   DG A N2    1 
ATOM   148 N  N3    . DG A 1 7  ? 10.12268  2.11936   2.88535   1.000 98.17154  ? 7   DG A N3    1 
ATOM   149 C  C4    . DG A 1 7  ? 9.42554   1.94523   1.73773   1.000 91.72560  ? 7   DG A C4    1 
ATOM   150 P  P     . DC A 1 8  ? 8.12872   -4.01256  2.78281   1.000 90.95774  ? 8   DC A P     1 
ATOM   151 O  OP1   . DC A 1 8  ? 8.43218   -5.45220  2.92521   1.000 88.56452  ? 8   DC A OP1   1 
ATOM   152 O  OP2   . DC A 1 8  ? 7.05698   -3.62524  1.84109   1.000 88.88042  ? 8   DC A OP2   1 
ATOM   153 O  "O5'" . DC A 1 8  ? 7.80632   -3.37843  4.21017   1.000 87.65002  ? 8   DC A "O5'" 1 
ATOM   154 C  "C5'" . DC A 1 8  ? 8.71015   -3.60316  5.26063   1.000 89.35189  ? 8   DC A "C5'" 1 
ATOM   155 C  "C4'" . DC A 1 8  ? 8.73960   -2.44530  6.23146   1.000 94.09430  ? 8   DC A "C4'" 1 
ATOM   156 O  "O4'" . DC A 1 8  ? 9.05421   -1.21789  5.54065   1.000 93.33441  ? 8   DC A "O4'" 1 
ATOM   157 C  "C3'" . DC A 1 8  ? 7.43166   -2.14096  6.91259   1.000 98.50856  ? 8   DC A "C3'" 1 
ATOM   158 O  "O3'" . DC A 1 8  ? 7.19188   -3.06944  7.95523   1.000 104.80157 ? 8   DC A "O3'" 1 
ATOM   159 C  "C2'" . DC A 1 8  ? 7.72002   -0.74472  7.43862   1.000 95.77075  ? 8   DC A "C2'" 1 
ATOM   160 C  "C1'" . DC A 1 8  ? 8.44838   -0.13728  6.23745   1.000 95.39333  ? 8   DC A "C1'" 1 
ATOM   161 N  N1    . DC A 1 8  ? 7.54261   0.55988   5.30592   1.000 95.03076  ? 8   DC A N1    1 
ATOM   162 C  C2    . DC A 1 8  ? 6.96045   1.76786   5.68830   1.000 99.29665  ? 8   DC A C2    1 
ATOM   163 O  O2    . DC A 1 8  ? 7.21912   2.23393   6.80517   1.000 98.36404  ? 8   DC A O2    1 
ATOM   164 N  N3    . DC A 1 8  ? 6.12697   2.39689   4.82270   1.000 100.70587 ? 8   DC A N3    1 
ATOM   165 C  C4    . DC A 1 8  ? 5.87578   1.86062   3.63133   1.000 96.30279  ? 8   DC A C4    1 
ATOM   166 N  N4    . DC A 1 8  ? 5.04968   2.51619   2.81470   1.000 96.23314  ? 8   DC A N4    1 
ATOM   167 C  C5    . DC A 1 8  ? 6.46037   0.62787   3.22523   1.000 93.50280  ? 8   DC A C5    1 
ATOM   168 C  C6    . DC A 1 8  ? 7.27906   0.01700   4.08558   1.000 93.09609  ? 8   DC A C6    1 
ATOM   169 P  P     . DA A 1 9  ? 5.70138   -3.61638  8.20021   1.000 106.90104 ? 9   DA A P     1 
ATOM   170 O  OP1   . DA A 1 9  ? 5.78938   -4.77190  9.12385   1.000 101.88036 ? 9   DA A OP1   1 
ATOM   171 O  OP2   . DA A 1 9  ? 5.08516   -3.83398  6.87131   1.000 99.04809  ? 9   DA A OP2   1 
ATOM   172 O  "O5'" . DA A 1 9  ? 4.98547   -2.37744  8.92740   1.000 104.39320 ? 9   DA A "O5'" 1 
ATOM   173 C  "C5'" . DA A 1 9  ? 5.65794   -1.72060  10.01159  1.000 106.90900 ? 9   DA A "C5'" 1 
ATOM   174 C  "C4'" . DA A 1 9  ? 4.97585   -0.41903  10.40577  1.000 107.22267 ? 9   DA A "C4'" 1 
ATOM   175 O  "O4'" . DA A 1 9  ? 5.35350   0.64417   9.49666   1.000 102.92500 ? 9   DA A "O4'" 1 
ATOM   176 C  "C3'" . DA A 1 9  ? 3.46024   -0.42422  10.35371  1.000 111.53299 ? 9   DA A "C3'" 1 
ATOM   177 O  "O3'" . DA A 1 9  ? 2.91340   -1.05434  11.50948  1.000 117.29977 ? 9   DA A "O3'" 1 
ATOM   178 C  "C2'" . DA A 1 9  ? 3.18447   1.06873   10.33334  1.000 107.45872 ? 9   DA A "C2'" 1 
ATOM   179 C  "C1'" . DA A 1 9  ? 4.25509   1.53655   9.35096   1.000 105.28693 ? 9   DA A "C1'" 1 
ATOM   180 N  N9    . DA A 1 9  ? 3.80802   1.49441   7.96489   1.000 105.50634 ? 9   DA A N9    1 
ATOM   181 C  C8    . DA A 1 9  ? 3.88181   0.43545   7.10530   1.000 102.51582 ? 9   DA A C8    1 
ATOM   182 N  N7    . DA A 1 9  ? 3.39211   0.68670   5.91481   1.000 102.77330 ? 9   DA A N7    1 
ATOM   183 C  C5    . DA A 1 9  ? 2.96927   1.99875   5.99936   1.000 104.20700 ? 9   DA A C5    1 
ATOM   184 C  C6    . DA A 1 9  ? 2.36025   2.85863   5.06807   1.000 106.32612 ? 9   DA A C6    1 
ATOM   185 N  N6    . DA A 1 9  ? 2.06563   2.49757   3.81649   1.000 106.98139 ? 9   DA A N6    1 
ATOM   186 N  N1    . DA A 1 9  ? 2.06210   4.10685   5.47458   1.000 108.17338 ? 9   DA A N1    1 
ATOM   187 C  C2    . DA A 1 9  ? 2.35761   4.46304   6.72990   1.000 109.50474 ? 9   DA A C2    1 
ATOM   188 N  N3    . DA A 1 9  ? 2.93734   3.74653   7.69168   1.000 107.13600 ? 9   DA A N3    1 
ATOM   189 C  C4    . DA A 1 9  ? 3.21537   2.51103   7.25783   1.000 105.75585 ? 9   DA A C4    1 
ATOM   190 P  P     . DT A 1 10 ? 1.61402   -2.00007  11.37903  1.000 122.09242 ? 10  DT A P     1 
ATOM   191 O  OP1   . DT A 1 10 ? 1.76761   -3.13915  12.31262  1.000 117.61258 ? 10  DT A OP1   1 
ATOM   192 O  OP2   . DT A 1 10 ? 1.36738   -2.29629  9.95458   1.000 118.51930 ? 10  DT A OP2   1 
ATOM   193 O  "O5'" . DT A 1 10 ? 0.43140   -1.05270  11.85432  1.000 114.81398 ? 10  DT A "O5'" 1 
ATOM   194 C  "C5'" . DT A 1 10 ? 0.70293   -0.01143  12.76710  1.000 114.73219 ? 10  DT A "C5'" 1 
ATOM   195 C  "C4'" . DT A 1 10 ? -0.14711  1.19613   12.45199  1.000 116.58601 ? 10  DT A "C4'" 1 
ATOM   196 O  "O4'" . DT A 1 10 ? 0.48049   1.96858   11.40302  1.000 111.51239 ? 10  DT A "O4'" 1 
ATOM   197 C  "C3'" . DT A 1 10 ? -1.51167  0.88683   11.87398  1.000 120.85512 ? 10  DT A "C3'" 1 
ATOM   198 O  "O3'" . DT A 1 10 ? -2.43176  0.48489   12.87621  1.000 127.56845 ? 10  DT A "O3'" 1 
ATOM   199 C  "C2'" . DT A 1 10 ? -1.86560  2.23428   11.27478  1.000 115.18152 ? 10  DT A "C2'" 1 
ATOM   200 C  "C1'" . DT A 1 10 ? -0.53483  2.59895   10.62860  1.000 112.20349 ? 10  DT A "C1'" 1 
ATOM   201 N  N1    . DT A 1 10 ? -0.43972  2.14965   9.19816   1.000 110.85925 ? 10  DT A N1    1 
ATOM   202 C  C2    . DT A 1 10 ? -0.85748  3.01408   8.21742   1.000 109.09080 ? 10  DT A C2    1 
ATOM   203 O  O2    . DT A 1 10 ? -1.28588  4.12971   8.45643   1.000 106.61417 ? 10  DT A O2    1 
ATOM   204 N  N3    . DT A 1 10 ? -0.74664  2.53321   6.93933   1.000 108.75135 ? 10  DT A N3    1 
ATOM   205 C  C4    . DT A 1 10 ? -0.27843  1.29093   6.55174   1.000 108.22171 ? 10  DT A C4    1 
ATOM   206 O  O4    . DT A 1 10 ? -0.21950  0.94687   5.37437   1.000 106.84792 ? 10  DT A O4    1 
ATOM   207 C  C5    . DT A 1 10 ? 0.13589   0.42456   7.62576   1.000 106.97780 ? 10  DT A C5    1 
ATOM   208 C  C7    . DT A 1 10 ? 0.65712   -0.94162  7.31423   1.000 105.24248 ? 10  DT A C7    1 
ATOM   209 C  C6    . DT A 1 10 ? 0.03682   0.88403   8.88681   1.000 108.29531 ? 10  DT A C6    1 
ATOM   210 P  P     . DG A 1 11 ? -3.61927  -0.53189  12.48657  1.000 132.70936 ? 11  DG A P     1 
ATOM   211 O  OP1   . DG A 1 11 ? -3.49516  -1.74489  13.33642  1.000 119.88565 ? 11  DG A OP1   1 
ATOM   212 O  OP2   . DG A 1 11 ? -3.63079  -0.67599  11.01491  1.000 124.70448 ? 11  DG A OP2   1 
ATOM   213 O  "O5'" . DG A 1 11 ? -4.94849  0.28639   12.83054  1.000 128.25232 ? 11  DG A "O5'" 1 
ATOM   214 C  "C5'" . DG A 1 11 ? -4.97074  1.69605   12.66527  1.000 122.26200 ? 11  DG A "C5'" 1 
ATOM   215 C  "C4'" . DG A 1 11 ? -5.91017  2.12859   11.54389  1.000 122.53304 ? 11  DG A "C4'" 1 
ATOM   216 O  "O4'" . DG A 1 11 ? -5.14295  2.64682   10.43374  1.000 116.26137 ? 11  DG A "O4'" 1 
ATOM   217 C  "C3'" . DG A 1 11 ? -6.79668  1.05521   10.90922  1.000 124.40779 ? 11  DG A "C3'" 1 
ATOM   218 O  "O3'" . DG A 1 11 ? -7.94933  0.78129   11.74138  1.000 131.14872 ? 11  DG A "O3'" 1 
ATOM   219 C  "C2'" . DG A 1 11 ? -7.20839  1.77882   9.63688   1.000 120.79521 ? 11  DG A "C2'" 1 
ATOM   220 C  "C1'" . DG A 1 11 ? -5.91697  2.51561   9.25086   1.000 120.37675 ? 11  DG A "C1'" 1 
ATOM   221 N  N9    . DG A 1 11 ? -5.14293  1.80669   8.22678   1.000 119.79831 ? 11  DG A N9    1 
ATOM   222 C  C8    . DG A 1 11 ? -4.26797  0.75662   8.41078   1.000 117.22113 ? 11  DG A C8    1 
ATOM   223 N  N7    . DG A 1 11 ? -3.74447  0.31290   7.29651   1.000 111.01359 ? 11  DG A N7    1 
ATOM   224 C  C5    . DG A 1 11 ? -4.31525  1.11177   6.31074   1.000 111.86741 ? 11  DG A C5    1 
ATOM   225 C  C6    . DG A 1 11 ? -4.13204  1.09988   4.90547   1.000 110.21980 ? 11  DG A C6    1 
ATOM   226 O  O6    . DG A 1 11 ? -3.40213  0.35634   4.23353   1.000 109.89031 ? 11  DG A O6    1 
ATOM   227 N  N1    . DG A 1 11 ? -4.90462  2.07865   4.27314   1.000 110.31531 ? 11  DG A N1    1 
ATOM   228 C  C2    . DG A 1 11 ? -5.75110  2.95549   4.91901   1.000 112.18725 ? 11  DG A C2    1 
ATOM   229 N  N2    . DG A 1 11 ? -6.41037  3.83262   4.14228   1.000 108.95877 ? 11  DG A N2    1 
ATOM   230 N  N3    . DG A 1 11 ? -5.92895  2.97851   6.23585   1.000 115.85579 ? 11  DG A N3    1 
ATOM   231 C  C4    . DG A 1 11 ? -5.18277  2.03103   6.86572   1.000 115.94713 ? 11  DG A C4    1 
ATOM   232 P  P     . DC A 1 12 ? -9.03577  -0.36528  11.37996  1.000 132.01183 ? 12  DC A P     1 
ATOM   233 O  OP1   . DC A 1 12 ? -9.90508  -0.52197  12.55267  1.000 141.66479 ? 12  DC A OP1   1 
ATOM   234 O  OP2   . DC A 1 12 ? -8.38613  -1.54586  10.75886  1.000 121.45818 ? 12  DC A OP2   1 
ATOM   235 O  "O5'" . DC A 1 12 ? -10.07463 0.30791   10.38295  1.000 118.27975 ? 12  DC A "O5'" 1 
ATOM   236 C  "C5'" . DC A 1 12 ? -10.13718 -0.17082  9.14571   1.000 117.50070 ? 12  DC A "C5'" 1 
ATOM   237 C  "C4'" . DC A 1 12 ? -10.79794 0.77960   8.20250   1.000 119.53301 ? 12  DC A "C4'" 1 
ATOM   238 O  "O4'" . DC A 1 12 ? -9.78271  1.67576   7.74114   1.000 116.29366 ? 12  DC A "O4'" 1 
ATOM   239 C  "C3'" . DC A 1 12 ? -11.42064 0.15096   6.96164   1.000 118.69007 ? 12  DC A "C3'" 1 
ATOM   240 O  "O3'" . DC A 1 12 ? -12.78898 -0.18217  7.10596   1.000 122.38401 ? 12  DC A "O3'" 1 
ATOM   241 C  "C2'" . DC A 1 12 ? -11.16410 1.22546   5.90974   1.000 113.83590 ? 12  DC A "C2'" 1 
ATOM   242 C  "C1'" . DC A 1 12 ? -9.77744  1.73050   6.34183   1.000 116.10270 ? 12  DC A "C1'" 1 
ATOM   243 N  N1    . DC A 1 12 ? -8.63647  0.80804   5.90953   1.000 117.37128 ? 12  DC A N1    1 
ATOM   244 C  C2    . DC A 1 12 ? -8.32826  0.64461   4.56046   1.000 113.31553 ? 12  DC A C2    1 
ATOM   245 O  O2    . DC A 1 12 ? -8.92066  1.33781   3.72102   1.000 112.36848 ? 12  DC A O2    1 
ATOM   246 N  N3    . DC A 1 12 ? -7.30494  -0.19937  4.21853   1.000 108.59893 ? 12  DC A N3    1 
ATOM   247 C  C4    . DC A 1 12 ? -6.67181  -0.91243  5.16125   1.000 108.78857 ? 12  DC A C4    1 
ATOM   248 N  N4    . DC A 1 12 ? -5.69462  -1.74427  4.78127   1.000 107.89535 ? 12  DC A N4    1 
ATOM   249 C  C5    . DC A 1 12 ? -7.01648  -0.80284  6.53012   1.000 114.73381 ? 12  DC A C5    1 
ATOM   250 C  C6    . DC A 1 12 ? -7.98636  0.04987   6.85120   1.000 116.72880 ? 12  DC A C6    1 
ATOM   251 P  P     . DC A 1 13 ? -13.28791 -1.69856  6.89671   1.000 124.98480 ? 13  DC A P     1 
ATOM   252 O  OP1   . DC A 1 13 ? -14.66569 -1.88714  7.39324   1.000 117.90817 ? 13  DC A OP1   1 
ATOM   253 O  OP2   . DC A 1 13 ? -12.21064 -2.57987  7.41965   1.000 122.27835 ? 13  DC A OP2   1 
ATOM   254 O  "O5'" . DC A 1 13 ? -13.19728 -1.80119  5.30020   1.000 114.33475 ? 13  DC A "O5'" 1 
ATOM   255 C  "C5'" . DC A 1 13 ? -13.88124 -0.83305  4.50812   1.000 106.89749 ? 13  DC A "C5'" 1 
ATOM   256 C  "C4'" . DC A 1 13 ? -13.45692 -0.93709  3.05448   1.000 107.59699 ? 13  DC A "C4'" 1 
ATOM   257 O  "O4'" . DC A 1 13 ? -12.07112 -0.52428  2.92652   1.000 112.12722 ? 13  DC A "O4'" 1 
ATOM   258 C  "C3'" . DC A 1 13 ? -13.44622 -2.33184  2.45429   1.000 104.87614 ? 13  DC A "C3'" 1 
ATOM   259 O  "O3'" . DC A 1 13 ? -14.72334 -2.67147  2.01781   1.000 109.18489 ? 13  DC A "O3'" 1 
ATOM   260 C  "C2'" . DC A 1 13 ? -12.52601 -2.16424  1.27396   1.000 100.75212 ? 13  DC A "C2'" 1 
ATOM   261 C  "C1'" . DC A 1 13 ? -11.46494 -1.26767  1.86725   1.000 106.72256 ? 13  DC A "C1'" 1 
ATOM   262 N  N1    . DC A 1 13 ? -10.32134 -2.05328  2.41788   1.000 104.74010 ? 13  DC A N1    1 
ATOM   263 C  C2    . DC A 1 13 ? -9.40421  -2.62774  1.53473   1.000 101.46842 ? 13  DC A C2    1 
ATOM   264 O  O2    . DC A 1 13 ? -9.60154  -2.51656  0.31553   1.000 100.07990 ? 13  DC A O2    1 
ATOM   265 N  N3    . DC A 1 13 ? -8.35756  -3.34557  2.03801   1.000 100.00197 ? 13  DC A N3    1 
ATOM   266 C  C4    . DC A 1 13 ? -8.19576  -3.45460  3.36037   1.000 100.47288 ? 13  DC A C4    1 
ATOM   267 N  N4    . DC A 1 13 ? -7.14645  -4.15714  3.80904   1.000 95.92203  ? 13  DC A N4    1 
ATOM   268 C  C5    . DC A 1 13 ? -9.10989  -2.84984  4.27963   1.000 106.53546 ? 13  DC A C5    1 
ATOM   269 C  C6    . DC A 1 13 ? -10.14374 -2.15881  3.76984   1.000 108.77345 ? 13  DC A C6    1 
ATOM   270 P  P     . DC A 1 14 ? -15.18181 -4.19833  1.86441   1.000 106.15717 ? 14  DC A P     1 
ATOM   271 O  OP1   . DC A 1 14 ? -16.60390 -4.06317  1.49097   1.000 99.67430  ? 14  DC A OP1   1 
ATOM   272 O  OP2   . DC A 1 14 ? -14.76020 -5.06598  2.98082   1.000 110.48424 ? 14  DC A OP2   1 
ATOM   273 O  "O5'" . DC A 1 14 ? -14.47650 -4.69827  0.51963   1.000 96.94921  ? 14  DC A "O5'" 1 
ATOM   274 C  "C5'" . DC A 1 14 ? -14.76175 -4.08622  -0.71100  1.000 92.08578  ? 14  DC A "C5'" 1 
ATOM   275 C  "C4'" . DC A 1 14 ? -13.91393 -4.69172  -1.80595  1.000 90.64215  ? 14  DC A "C4'" 1 
ATOM   276 O  "O4'" . DC A 1 14 ? -12.52989 -4.29519  -1.64064  1.000 89.10294  ? 14  DC A "O4'" 1 
ATOM   277 C  "C3'" . DC A 1 14 ? -13.86872 -6.21030  -1.79035  1.000 90.93979  ? 14  DC A "C3'" 1 
ATOM   278 O  "O3'" . DC A 1 14 ? -15.01520 -6.74375  -2.45304  1.000 92.40820  ? 14  DC A "O3'" 1 
ATOM   279 C  "C2'" . DC A 1 14 ? -12.59599 -6.46826  -2.57787  1.000 86.99329  ? 14  DC A "C2'" 1 
ATOM   280 C  "C1'" . DC A 1 14 ? -11.68681 -5.37022  -2.03861  1.000 87.22734  ? 14  DC A "C1'" 1 
ATOM   281 N  N1    . DC A 1 14 ? -10.88242 -5.80337  -0.88931  1.000 87.30162  ? 14  DC A N1    1 
ATOM   282 C  C2    . DC A 1 14 ? -9.77972  -6.62998  -1.10321  1.000 87.10110  ? 14  DC A C2    1 
ATOM   283 O  O2    . DC A 1 14 ? -9.50099  -6.96522  -2.25642  1.000 87.76368  ? 14  DC A O2    1 
ATOM   284 N  N3    . DC A 1 14 ? -9.03844  -7.02797  -0.04257  1.000 86.00213  ? 14  DC A N3    1 
ATOM   285 C  C4    . DC A 1 14 ? -9.37409  -6.63497  1.18436   1.000 88.94982  ? 14  DC A C4    1 
ATOM   286 N  N4    . DC A 1 14 ? -8.61525  -7.05254  2.20383   1.000 89.98820  ? 14  DC A N4    1 
ATOM   287 C  C5    . DC A 1 14 ? -10.50452 -5.79664  1.42216   1.000 92.18658  ? 14  DC A C5    1 
ATOM   288 C  C6    . DC A 1 14 ? -11.22268 -5.40835  0.36519   1.000 91.48470  ? 14  DC A C6    1 
ATOM   289 P  P     . DC A 1 15 ? -15.65734 -8.14251  -1.97228  1.000 101.83103 ? 15  DC A P     1 
ATOM   290 O  OP1   . DC A 1 15 ? -16.93899 -8.26415  -2.71319  1.000 108.49743 ? 15  DC A OP1   1 
ATOM   291 O  OP2   . DC A 1 15 ? -15.63085 -8.24041  -0.49391  1.000 97.55209  ? 15  DC A OP2   1 
ATOM   292 O  "O5'" . DC A 1 15 ? -14.65831 -9.24073  -2.54504  1.000 82.82487  ? 15  DC A "O5'" 1 
ATOM   293 C  "C5'" . DC A 1 15 ? -14.31654 -9.18002  -3.89034  1.000 80.72374  ? 15  DC A "C5'" 1 
ATOM   294 C  "C4'" . DC A 1 15 ? -13.06093 -9.95142  -4.15730  1.000 80.19250  ? 15  DC A "C4'" 1 
ATOM   295 O  "O4'" . DC A 1 15 ? -11.98779 -9.34651  -3.42621  1.000 77.38568  ? 15  DC A "O4'" 1 
ATOM   296 C  "C3'" . DC A 1 15 ? -13.05520 -11.39525 -3.68965  1.000 79.65257  ? 15  DC A "C3'" 1 
ATOM   297 O  "O3'" . DC A 1 15 ? -13.65419 -12.23854 -4.66738  1.000 78.22094  ? 15  DC A "O3'" 1 
ATOM   298 C  "C2'" . DC A 1 15 ? -11.57487 -11.67851 -3.54121  1.000 76.27065  ? 15  DC A "C2'" 1 
ATOM   299 C  "C1'" . DC A 1 15 ? -11.04482 -10.33120 -3.05155  1.000 77.73026  ? 15  DC A "C1'" 1 
ATOM   300 N  N1    . DC A 1 15 ? -10.79507 -10.26348 -1.58771  1.000 80.91473  ? 15  DC A N1    1 
ATOM   301 C  C2    . DC A 1 15 ? -9.73917  -11.01156 -1.04185  1.000 82.99980  ? 15  DC A C2    1 
ATOM   302 O  O2    . DC A 1 15 ? -9.01748  -11.66351 -1.79038  1.000 83.17575  ? 15  DC A O2    1 
ATOM   303 N  N3    . DC A 1 15 ? -9.49032  -10.94153 0.28165   1.000 82.56023  ? 15  DC A N3    1 
ATOM   304 C  C4    . DC A 1 15 ? -10.27577 -10.21631 1.06364   1.000 86.17280  ? 15  DC A C4    1 
ATOM   305 N  N4    . DC A 1 15 ? -9.99556  -10.20349 2.37203   1.000 86.53493  ? 15  DC A N4    1 
ATOM   306 C  C5    . DC A 1 15 ? -11.38588 -9.46780  0.53959   1.000 84.80946  ? 15  DC A C5    1 
ATOM   307 C  C6    . DC A 1 15 ? -11.61028 -9.52615  -0.78232  1.000 82.16456  ? 15  DC A C6    1 
ATOM   308 P  P     . DA A 1 16 ? -14.50480 -13.51376 -4.21048  1.000 79.61727  ? 16  DA A P     1 
ATOM   309 O  OP1   . DA A 1 16 ? -14.66969 -14.33081 -5.43179  1.000 84.17267  ? 16  DA A OP1   1 
ATOM   310 O  OP2   . DA A 1 16 ? -15.70022 -13.07535 -3.45186  1.000 91.38097  ? 16  DA A OP2   1 
ATOM   311 O  "O5'" . DA A 1 16 ? -13.50539 -14.29280 -3.22925  1.000 71.55596  ? 16  DA A "O5'" 1 
ATOM   312 C  "C5'" . DA A 1 16 ? -13.23151 -15.69943 -3.37159  1.000 72.35351  ? 16  DA A "C5'" 1 
ATOM   313 C  "C4'" . DA A 1 16 ? -11.75798 -15.97929 -3.17081  1.000 73.81447  ? 16  DA A "C4'" 1 
ATOM   314 O  "O4'" . DA A 1 16 ? -11.15318 -14.79996 -2.65815  1.000 76.71788  ? 16  DA A "O4'" 1 
ATOM   315 C  "C3'" . DA A 1 16 ? -11.43360 -17.05578 -2.13617  1.000 74.82425  ? 16  DA A "C3'" 1 
ATOM   316 O  "O3'" . DA A 1 16 ? -11.46714 -18.33425 -2.69008  1.000 81.98826  ? 16  DA A "O3'" 1 
ATOM   317 C  "C2'" . DA A 1 16 ? -10.03798 -16.66583 -1.68407  1.000 73.68899  ? 16  DA A "C2'" 1 
ATOM   318 C  "C1'" . DA A 1 16 ? -10.06560 -15.14075 -1.82137  1.000 79.41023  ? 16  DA A "C1'" 1 
ATOM   319 N  N9    . DA A 1 16 ? -10.35820 -14.50519 -0.55528  1.000 80.63771  ? 16  DA A N9    1 
ATOM   320 C  C8    . DA A 1 16 ? -11.49258 -13.81510 -0.24520  1.000 86.70390  ? 16  DA A C8    1 
ATOM   321 N  N7    . DA A 1 16 ? -11.51260 -13.35350 0.98125   1.000 85.91991  ? 16  DA A N7    1 
ATOM   322 C  C5    . DA A 1 16 ? -10.31342 -13.77635 1.51201   1.000 79.47840  ? 16  DA A C5    1 
ATOM   323 C  C6    . DA A 1 16 ? -9.73169  -13.60267 2.77888   1.000 82.54532  ? 16  DA A C6    1 
ATOM   324 N  N6    . DA A 1 16 ? -10.32091 -12.93192 3.77279   1.000 85.16488  ? 16  DA A N6    1 
ATOM   325 N  N1    . DA A 1 16 ? -8.52051  -14.14780 2.98798   1.000 79.46807  ? 16  DA A N1    1 
ATOM   326 C  C2    . DA A 1 16 ? -7.94054  -14.82206 1.98754   1.000 81.38486  ? 16  DA A C2    1 
ATOM   327 N  N3    . DA A 1 16 ? -8.38927  -15.04833 0.75151   1.000 81.70587  ? 16  DA A N3    1 
ATOM   328 C  C4    . DA A 1 16 ? -9.59081  -14.49500 0.57922   1.000 78.95886  ? 16  DA A C4    1 
ATOM   329 P  P     . DC A 1 17 ? -12.06967 -19.55715 -1.83444  1.000 88.68969  ? 17  DC A P     1 
ATOM   330 O  OP1   . DC A 1 17 ? -12.30936 -20.70000 -2.73620  1.000 94.55273  ? 17  DC A OP1   1 
ATOM   331 O  OP2   . DC A 1 17 ? -13.16622 -18.95629 -1.03372  1.000 74.72647  ? 17  DC A OP2   1 
ATOM   332 O  "O5'" . DC A 1 17 ? -10.92081 -20.00275 -0.82828  1.000 76.76462  ? 17  DC A "O5'" 1 
ATOM   333 C  "C5'" . DC A 1 17 ? -9.71677  -20.45611 -1.36049  1.000 78.47532  ? 17  DC A "C5'" 1 
ATOM   334 C  "C4'" . DC A 1 17 ? -8.67332  -20.50559 -0.28481  1.000 89.46644  ? 17  DC A "C4'" 1 
ATOM   335 O  "O4'" . DC A 1 17 ? -8.47853  -19.16187 0.20009   1.000 91.63242  ? 17  DC A "O4'" 1 
ATOM   336 C  "C3'" . DC A 1 17 ? -9.03617  -21.28553 0.97392   1.000 89.78109  ? 17  DC A "C3'" 1 
ATOM   337 O  "O3'" . DC A 1 17 ? -8.70021  -22.64272 0.82013   1.000 96.74649  ? 17  DC A "O3'" 1 
ATOM   338 C  "C2'" . DC A 1 17 ? -8.17022  -20.64947 2.02789   1.000 91.37676  ? 17  DC A "C2'" 1 
ATOM   339 C  "C1'" . DC A 1 17 ? -8.15106  -19.20343 1.57796   1.000 88.55396  ? 17  DC A "C1'" 1 
ATOM   340 N  N1    . DC A 1 17 ? -9.05602  -18.34612 2.34403   1.000 81.30214  ? 17  DC A N1    1 
ATOM   341 C  C2    . DC A 1 17 ? -8.65669  -17.94010 3.60702   1.000 82.91295  ? 17  DC A C2    1 
ATOM   342 O  O2    . DC A 1 17 ? -7.57423  -18.34104 4.04163   1.000 88.79261  ? 17  DC A O2    1 
ATOM   343 N  N3    . DC A 1 17 ? -9.46389  -17.14244 4.33078   1.000 80.99311  ? 17  DC A N3    1 
ATOM   344 C  C4    . DC A 1 17 ? -10.61781 -16.74071 3.82354   1.000 80.70699  ? 17  DC A C4    1 
ATOM   345 N  N4    . DC A 1 17 ? -11.38118 -15.94712 4.57702   1.000 83.80347  ? 17  DC A N4    1 
ATOM   346 C  C5    . DC A 1 17 ? -11.04387 -17.13307 2.51977   1.000 79.74105  ? 17  DC A C5    1 
ATOM   347 C  C6    . DC A 1 17 ? -10.23382 -17.93048 1.81666   1.000 80.56820  ? 17  DC A C6    1 
ATOM   348 P  P     . DC A 1 18 ? -9.48062  -23.78910 1.62377   1.000 103.65587 ? 18  DC A P     1 
ATOM   349 O  OP1   . DC A 1 18 ? -9.15805  -25.09711 1.00470   1.000 102.01934 ? 18  DC A OP1   1 
ATOM   350 O  OP2   . DC A 1 18 ? -10.87321 -23.30630 1.79839   1.000 90.33850  ? 18  DC A OP2   1 
ATOM   351 O  "O5'" . DC A 1 18 ? -8.74623  -23.83704 3.05596   1.000 105.83974 ? 18  DC A "O5'" 1 
ATOM   352 C  "C5'" . DC A 1 18 ? -7.30617  -23.95433 3.14896   1.000 106.96871 ? 18  DC A "C5'" 1 
ATOM   353 C  "C4'" . DC A 1 18 ? -6.83357  -23.67591 4.57578   1.000 108.89139 ? 18  DC A "C4'" 1 
ATOM   354 O  "O4'" . DC A 1 18 ? -7.27633  -22.34994 4.98024   1.000 103.25773 ? 18  DC A "O4'" 1 
ATOM   355 C  "C3'" . DC A 1 18 ? -7.39881  -24.62810 5.63477   1.000 112.59752 ? 18  DC A "C3'" 1 
ATOM   356 O  "O3'" . DC A 1 18 ? -6.38240  -24.93783 6.60170   1.000 117.67611 ? 18  DC A "O3'" 1 
ATOM   357 C  "C2'" . DC A 1 18 ? -8.54940  -23.83514 6.24879   1.000 98.80617  ? 18  DC A "C2'" 1 
ATOM   358 C  "C1'" . DC A 1 18 ? -7.97594  -22.43498 6.21026   1.000 96.75351  ? 18  DC A "C1'" 1 
ATOM   359 N  N1    . DC A 1 18 ? -9.01484  -21.41362 6.19477   1.000 84.45530  ? 18  DC A N1    1 
ATOM   360 C  C2    . DC A 1 18 ? -9.08285  -20.47912 7.22512   1.000 84.55060  ? 18  DC A C2    1 
ATOM   361 O  O2    . DC A 1 18 ? -8.25861  -20.52775 8.14593   1.000 85.94174  ? 18  DC A O2    1 
ATOM   362 N  N3    . DC A 1 18 ? -10.04234 -19.53721 7.17975   1.000 84.03255  ? 18  DC A N3    1 
ATOM   363 C  C4    . DC A 1 18 ? -10.91687 -19.51658 6.17618   1.000 82.74227  ? 18  DC A C4    1 
ATOM   364 N  N4    . DC A 1 18 ? -11.85805 -18.56422 6.18410   1.000 80.12121  ? 18  DC A N4    1 
ATOM   365 C  C5    . DC A 1 18 ? -10.86309 -20.46716 5.11954   1.000 83.15151  ? 18  DC A C5    1 
ATOM   366 C  C6    . DC A 1 18 ? -9.90556  -21.39017 5.17147   1.000 83.93092  ? 18  DC A C6    1 
HETATM 367 SR SR    . SR B 2 .  ? 5.16092   4.37353   -2.04536  1.000 163.41871 ? 101 SR A SR    1 
# 
